data_2EOL
#
_entry.id   2EOL
#
loop_
_entity.id
_entity.type
_entity.pdbx_description
1 polymer 'Zinc finger protein 268'
2 non-polymer 'ZINC ION'
#
_entity_poly.entity_id   1
_entity_poly.type   'polypeptide(L)'
_entity_poly.pdbx_seq_one_letter_code
;GSSGSSGEKPYECTDCGKAFGLKSQLIIHQRTHTGESGPSSG
;
_entity_poly.pdbx_strand_id   A
#
# COMPACT_ATOMS: atom_id res chain seq x y z
N GLY A 1 9.16 -16.29 10.98
CA GLY A 1 7.94 -16.75 11.62
C GLY A 1 6.79 -15.79 11.42
N SER A 2 5.98 -16.05 10.40
CA SER A 2 4.83 -15.19 10.11
C SER A 2 3.58 -16.04 9.84
N SER A 3 2.67 -16.07 10.81
CA SER A 3 1.44 -16.83 10.69
C SER A 3 0.43 -16.42 11.75
N GLY A 4 -0.84 -16.65 11.47
CA GLY A 4 -1.89 -16.29 12.41
C GLY A 4 -2.28 -14.82 12.32
N SER A 5 -3.40 -14.54 11.67
CA SER A 5 -3.87 -13.17 11.51
C SER A 5 -5.40 -13.13 11.44
N SER A 6 -5.97 -12.03 11.88
CA SER A 6 -7.42 -11.86 11.87
C SER A 6 -7.81 -10.57 11.15
N GLY A 7 -8.75 -10.69 10.21
CA GLY A 7 -9.21 -9.54 9.46
C GLY A 7 -8.61 -9.48 8.07
N GLU A 8 -9.18 -8.64 7.22
CA GLU A 8 -8.70 -8.50 5.85
C GLU A 8 -8.38 -7.04 5.52
N LYS A 9 -7.71 -6.82 4.40
CA LYS A 9 -7.34 -5.47 3.99
C LYS A 9 -8.19 -5.03 2.80
N PRO A 10 -9.26 -4.25 3.09
CA PRO A 10 -10.17 -3.75 2.06
C PRO A 10 -9.52 -2.68 1.19
N TYR A 11 -8.30 -2.28 1.54
CA TYR A 11 -7.56 -1.27 0.80
C TYR A 11 -6.33 -1.87 0.15
N GLU A 12 -6.08 -1.48 -1.11
CA GLU A 12 -4.92 -1.98 -1.84
C GLU A 12 -4.30 -0.87 -2.69
N CYS A 13 -2.97 -0.88 -2.78
CA CYS A 13 -2.25 0.12 -3.56
C CYS A 13 -2.29 -0.22 -5.05
N THR A 14 -2.98 0.61 -5.83
CA THR A 14 -3.08 0.40 -7.27
C THR A 14 -1.74 0.59 -7.96
N ASP A 15 -0.85 1.35 -7.31
CA ASP A 15 0.48 1.61 -7.86
C ASP A 15 1.27 0.32 -8.00
N CYS A 16 1.40 -0.42 -6.90
CA CYS A 16 2.14 -1.68 -6.90
C CYS A 16 1.21 -2.86 -6.67
N GLY A 17 0.28 -2.70 -5.72
CA GLY A 17 -0.66 -3.77 -5.41
C GLY A 17 -0.63 -4.15 -3.94
N LYS A 18 -0.03 -3.31 -3.12
CA LYS A 18 0.08 -3.58 -1.69
C LYS A 18 -1.30 -3.56 -1.04
N ALA A 19 -1.34 -3.83 0.26
CA ALA A 19 -2.60 -3.85 1.00
C ALA A 19 -2.46 -3.12 2.34
N PHE A 20 -3.57 -2.65 2.87
CA PHE A 20 -3.57 -1.94 4.14
C PHE A 20 -4.94 -2.02 4.82
N GLY A 21 -4.98 -2.65 5.98
CA GLY A 21 -6.23 -2.79 6.71
C GLY A 21 -6.89 -1.44 6.97
N LEU A 22 -6.10 -0.38 6.93
CA LEU A 22 -6.62 0.96 7.17
C LEU A 22 -6.62 1.79 5.90
N LYS A 23 -7.33 2.91 5.92
CA LYS A 23 -7.42 3.79 4.76
C LYS A 23 -6.29 4.82 4.78
N SER A 24 -5.83 5.17 5.98
CA SER A 24 -4.76 6.14 6.13
C SER A 24 -3.40 5.50 5.90
N GLN A 25 -3.29 4.22 6.24
CA GLN A 25 -2.05 3.48 6.06
C GLN A 25 -1.66 3.39 4.60
N LEU A 26 -2.67 3.36 3.73
CA LEU A 26 -2.43 3.28 2.29
C LEU A 26 -2.06 4.65 1.72
N ILE A 27 -2.85 5.65 2.03
CA ILE A 27 -2.59 7.01 1.56
C ILE A 27 -1.14 7.41 1.80
N ILE A 28 -0.66 7.16 3.02
CA ILE A 28 0.71 7.49 3.37
C ILE A 28 1.71 6.68 2.54
N HIS A 29 1.30 5.48 2.16
CA HIS A 29 2.16 4.60 1.36
C HIS A 29 2.26 5.09 -0.07
N GLN A 30 1.12 5.40 -0.67
CA GLN A 30 1.07 5.88 -2.04
C GLN A 30 2.06 7.03 -2.25
N ARG A 31 2.45 7.67 -1.15
CA ARG A 31 3.39 8.78 -1.21
C ARG A 31 4.75 8.31 -1.75
N THR A 32 5.29 7.26 -1.16
CA THR A 32 6.57 6.71 -1.58
C THR A 32 6.63 6.56 -3.10
N HIS A 33 5.49 6.27 -3.70
CA HIS A 33 5.41 6.10 -5.15
C HIS A 33 5.49 7.45 -5.86
N THR A 34 4.66 8.39 -5.42
CA THR A 34 4.64 9.72 -6.01
C THR A 34 5.92 10.48 -5.73
N GLY A 35 6.86 10.41 -6.67
CA GLY A 35 8.14 11.10 -6.51
C GLY A 35 9.12 10.30 -5.67
N GLU A 36 10.17 9.81 -6.31
CA GLU A 36 11.19 9.02 -5.62
C GLU A 36 12.50 9.01 -6.40
N SER A 37 13.56 8.57 -5.74
CA SER A 37 14.88 8.51 -6.38
C SER A 37 15.18 7.10 -6.89
N GLY A 38 16.02 7.02 -7.91
CA GLY A 38 16.37 5.72 -8.47
C GLY A 38 16.33 5.72 -9.99
N PRO A 39 17.23 4.93 -10.60
CA PRO A 39 17.33 4.83 -12.06
C PRO A 39 16.12 4.10 -12.66
N SER A 40 15.27 3.57 -11.81
CA SER A 40 14.08 2.86 -12.25
C SER A 40 13.09 3.81 -12.92
N SER A 41 13.30 4.06 -14.21
CA SER A 41 12.42 4.96 -14.96
C SER A 41 11.86 4.25 -16.19
N GLY A 42 10.66 4.66 -16.60
CA GLY A 42 10.02 4.06 -17.76
C GLY A 42 8.88 4.89 -18.29
N GLY A 1 0.90 -10.36 16.61
CA GLY A 1 -0.39 -10.61 17.22
C GLY A 1 -0.56 -12.06 17.63
N SER A 2 -1.61 -12.70 17.13
CA SER A 2 -1.89 -14.09 17.45
C SER A 2 -1.61 -14.99 16.25
N SER A 3 -2.22 -14.66 15.11
CA SER A 3 -2.04 -15.44 13.89
C SER A 3 -2.26 -14.57 12.65
N GLY A 4 -1.95 -15.12 11.49
CA GLY A 4 -2.11 -14.39 10.25
C GLY A 4 -3.52 -14.49 9.70
N SER A 5 -3.75 -13.90 8.52
CA SER A 5 -5.06 -13.92 7.89
C SER A 5 -6.15 -13.64 8.91
N SER A 6 -5.90 -12.69 9.79
CA SER A 6 -6.87 -12.31 10.82
C SER A 6 -7.74 -11.15 10.36
N GLY A 7 -7.10 -10.04 10.02
CA GLY A 7 -7.84 -8.87 9.56
C GLY A 7 -7.69 -8.65 8.07
N GLU A 8 -8.82 -8.66 7.36
CA GLU A 8 -8.81 -8.46 5.92
C GLU A 8 -8.57 -6.98 5.58
N LYS A 9 -7.74 -6.75 4.57
CA LYS A 9 -7.42 -5.39 4.15
C LYS A 9 -8.20 -5.02 2.88
N PRO A 10 -9.32 -4.31 3.06
CA PRO A 10 -10.16 -3.89 1.95
C PRO A 10 -9.50 -2.80 1.10
N TYR A 11 -8.39 -2.28 1.58
CA TYR A 11 -7.66 -1.24 0.87
C TYR A 11 -6.37 -1.79 0.27
N GLU A 12 -6.14 -1.49 -1.01
CA GLU A 12 -4.95 -1.95 -1.71
C GLU A 12 -4.36 -0.85 -2.58
N CYS A 13 -3.03 -0.83 -2.68
CA CYS A 13 -2.34 0.18 -3.47
C CYS A 13 -2.35 -0.20 -4.95
N THR A 14 -3.07 0.59 -5.76
CA THR A 14 -3.16 0.34 -7.19
C THR A 14 -1.80 0.51 -7.87
N ASP A 15 -0.94 1.32 -7.25
CA ASP A 15 0.39 1.57 -7.80
C ASP A 15 1.19 0.27 -7.89
N CYS A 16 1.36 -0.39 -6.74
CA CYS A 16 2.10 -1.65 -6.69
C CYS A 16 1.16 -2.83 -6.48
N GLY A 17 0.23 -2.68 -5.55
CA GLY A 17 -0.72 -3.74 -5.28
C GLY A 17 -0.67 -4.21 -3.83
N LYS A 18 -0.14 -3.36 -2.96
CA LYS A 18 -0.04 -3.68 -1.55
C LYS A 18 -1.40 -3.67 -0.88
N ALA A 19 -1.43 -4.01 0.40
CA ALA A 19 -2.69 -4.04 1.15
C ALA A 19 -2.54 -3.31 2.49
N PHE A 20 -3.63 -2.70 2.95
CA PHE A 20 -3.62 -1.96 4.20
C PHE A 20 -4.99 -2.01 4.87
N GLY A 21 -5.04 -2.62 6.06
CA GLY A 21 -6.29 -2.73 6.78
C GLY A 21 -6.95 -1.39 7.01
N LEU A 22 -6.16 -0.32 6.94
CA LEU A 22 -6.67 1.03 7.16
C LEU A 22 -6.60 1.83 5.87
N LYS A 23 -7.38 2.92 5.81
CA LYS A 23 -7.41 3.79 4.64
C LYS A 23 -6.26 4.79 4.68
N SER A 24 -5.84 5.16 5.89
CA SER A 24 -4.76 6.11 6.06
C SER A 24 -3.40 5.45 5.88
N GLN A 25 -3.34 4.16 6.21
CA GLN A 25 -2.10 3.40 6.09
C GLN A 25 -1.71 3.23 4.62
N LEU A 26 -2.71 3.24 3.75
CA LEU A 26 -2.47 3.08 2.32
C LEU A 26 -2.07 4.41 1.68
N ILE A 27 -2.84 5.46 1.96
CA ILE A 27 -2.55 6.78 1.41
C ILE A 27 -1.10 7.17 1.66
N ILE A 28 -0.64 6.98 2.89
CA ILE A 28 0.73 7.32 3.26
C ILE A 28 1.73 6.56 2.39
N HIS A 29 1.38 5.33 2.05
CA HIS A 29 2.25 4.50 1.21
C HIS A 29 2.33 5.05 -0.20
N GLN A 30 1.18 5.28 -0.81
CA GLN A 30 1.12 5.81 -2.17
C GLN A 30 2.07 6.98 -2.34
N ARG A 31 2.45 7.60 -1.22
CA ARG A 31 3.37 8.73 -1.25
C ARG A 31 4.74 8.32 -1.80
N THR A 32 5.20 7.15 -1.38
CA THR A 32 6.50 6.64 -1.82
C THR A 32 6.50 6.41 -3.33
N HIS A 33 5.32 6.37 -3.92
CA HIS A 33 5.19 6.15 -5.36
C HIS A 33 5.23 7.48 -6.11
N THR A 34 5.31 8.58 -5.36
CA THR A 34 5.34 9.90 -5.96
C THR A 34 6.60 10.66 -5.54
N GLY A 35 7.19 11.40 -6.48
CA GLY A 35 8.39 12.16 -6.19
C GLY A 35 9.66 11.32 -6.34
N GLU A 36 10.46 11.65 -7.34
CA GLU A 36 11.70 10.92 -7.59
C GLU A 36 12.82 11.45 -6.71
N SER A 37 13.08 10.73 -5.61
CA SER A 37 14.13 11.12 -4.67
C SER A 37 15.03 9.94 -4.36
N GLY A 38 16.29 10.04 -4.78
CA GLY A 38 17.24 8.97 -4.53
C GLY A 38 16.81 7.65 -5.15
N PRO A 39 17.70 6.65 -5.10
CA PRO A 39 17.44 5.32 -5.66
C PRO A 39 16.38 4.56 -4.86
N SER A 40 15.26 4.26 -5.51
CA SER A 40 14.17 3.54 -4.85
C SER A 40 13.64 2.43 -5.76
N SER A 41 13.60 1.21 -5.23
CA SER A 41 13.12 0.07 -5.99
C SER A 41 11.60 0.10 -6.09
N GLY A 42 11.06 -0.74 -6.98
CA GLY A 42 9.61 -0.79 -7.16
C GLY A 42 8.93 -1.63 -6.10
N GLY A 1 -15.75 -15.54 -0.21
CA GLY A 1 -16.14 -14.94 1.06
C GLY A 1 -16.84 -15.93 1.97
N SER A 2 -18.03 -15.56 2.42
CA SER A 2 -18.81 -16.41 3.32
C SER A 2 -17.92 -17.01 4.40
N SER A 3 -17.02 -16.20 4.95
CA SER A 3 -16.12 -16.65 5.99
C SER A 3 -15.86 -15.55 7.01
N GLY A 4 -15.08 -15.87 8.04
CA GLY A 4 -14.77 -14.90 9.06
C GLY A 4 -13.82 -13.82 8.58
N SER A 5 -14.01 -12.60 9.07
CA SER A 5 -13.17 -11.48 8.67
C SER A 5 -11.71 -11.92 8.54
N SER A 6 -11.16 -12.46 9.61
CA SER A 6 -9.77 -12.93 9.61
C SER A 6 -8.82 -11.78 9.30
N GLY A 7 -9.03 -10.65 9.96
CA GLY A 7 -8.18 -9.49 9.74
C GLY A 7 -7.73 -9.37 8.30
N GLU A 8 -8.62 -8.86 7.45
CA GLU A 8 -8.31 -8.69 6.03
C GLU A 8 -8.13 -7.22 5.69
N LYS A 9 -7.34 -6.95 4.65
CA LYS A 9 -7.09 -5.58 4.22
C LYS A 9 -7.92 -5.23 2.99
N PRO A 10 -9.05 -4.56 3.21
CA PRO A 10 -9.96 -4.15 2.12
C PRO A 10 -9.36 -3.06 1.24
N TYR A 11 -8.22 -2.52 1.68
CA TYR A 11 -7.55 -1.47 0.92
C TYR A 11 -6.32 -2.02 0.20
N GLU A 12 -6.17 -1.62 -1.06
CA GLU A 12 -5.03 -2.08 -1.87
C GLU A 12 -4.48 -0.94 -2.71
N CYS A 13 -3.15 -0.89 -2.83
CA CYS A 13 -2.49 0.16 -3.61
C CYS A 13 -2.52 -0.19 -5.10
N THR A 14 -3.15 0.67 -5.89
CA THR A 14 -3.26 0.47 -7.33
C THR A 14 -1.92 0.73 -8.01
N ASP A 15 -1.03 1.43 -7.32
CA ASP A 15 0.29 1.75 -7.86
C ASP A 15 1.12 0.48 -8.03
N CYS A 16 1.26 -0.28 -6.97
CA CYS A 16 2.03 -1.52 -7.01
C CYS A 16 1.13 -2.73 -6.77
N GLY A 17 0.24 -2.61 -5.79
CA GLY A 17 -0.67 -3.70 -5.48
C GLY A 17 -0.61 -4.10 -4.02
N LYS A 18 -0.05 -3.22 -3.19
CA LYS A 18 0.07 -3.49 -1.76
C LYS A 18 -1.30 -3.55 -1.11
N ALA A 19 -1.33 -3.88 0.18
CA ALA A 19 -2.58 -3.97 0.92
C ALA A 19 -2.44 -3.33 2.30
N PHE A 20 -3.54 -2.75 2.79
CA PHE A 20 -3.54 -2.11 4.10
C PHE A 20 -4.90 -2.26 4.78
N GLY A 21 -4.87 -2.61 6.07
CA GLY A 21 -6.09 -2.78 6.81
C GLY A 21 -6.82 -1.47 7.07
N LEU A 22 -6.08 -0.37 6.97
CA LEU A 22 -6.66 0.95 7.19
C LEU A 22 -6.68 1.76 5.90
N LYS A 23 -7.38 2.89 5.92
CA LYS A 23 -7.47 3.75 4.75
C LYS A 23 -6.37 4.80 4.76
N SER A 24 -5.92 5.19 5.95
CA SER A 24 -4.87 6.19 6.10
C SER A 24 -3.50 5.55 5.90
N GLN A 25 -3.39 4.28 6.26
CA GLN A 25 -2.12 3.56 6.13
C GLN A 25 -1.73 3.42 4.67
N LEU A 26 -2.72 3.34 3.79
CA LEU A 26 -2.48 3.20 2.37
C LEU A 26 -2.14 4.55 1.74
N ILE A 27 -2.96 5.56 2.05
CA ILE A 27 -2.75 6.90 1.52
C ILE A 27 -1.33 7.39 1.78
N ILE A 28 -0.85 7.17 3.01
CA ILE A 28 0.49 7.58 3.39
C ILE A 28 1.54 6.82 2.59
N HIS A 29 1.20 5.60 2.19
CA HIS A 29 2.12 4.76 1.42
C HIS A 29 2.28 5.30 0.00
N GLN A 30 1.16 5.49 -0.68
CA GLN A 30 1.18 6.00 -2.05
C GLN A 30 2.07 7.24 -2.16
N ARG A 31 2.35 7.87 -1.02
CA ARG A 31 3.19 9.05 -0.98
C ARG A 31 4.59 8.74 -1.50
N THR A 32 5.21 7.73 -0.91
CA THR A 32 6.56 7.33 -1.30
C THR A 32 6.63 7.02 -2.78
N HIS A 33 5.56 6.45 -3.32
CA HIS A 33 5.50 6.10 -4.73
C HIS A 33 5.76 7.32 -5.60
N THR A 34 4.99 8.38 -5.38
CA THR A 34 5.14 9.61 -6.15
C THR A 34 6.52 10.23 -5.92
N GLY A 35 7.49 9.82 -6.73
CA GLY A 35 8.83 10.35 -6.59
C GLY A 35 9.76 9.84 -7.68
N GLU A 36 9.64 8.56 -8.02
CA GLU A 36 10.48 7.95 -9.05
C GLU A 36 9.66 7.02 -9.92
N SER A 37 9.96 7.03 -11.22
CA SER A 37 9.25 6.17 -12.17
C SER A 37 10.22 5.53 -13.14
N GLY A 38 10.04 4.23 -13.39
CA GLY A 38 10.91 3.51 -14.29
C GLY A 38 10.30 3.35 -15.67
N PRO A 39 11.08 2.77 -16.60
CA PRO A 39 10.62 2.54 -17.98
C PRO A 39 9.54 1.47 -18.06
N SER A 40 8.29 1.89 -18.13
CA SER A 40 7.16 0.97 -18.21
C SER A 40 5.86 1.73 -18.42
N SER A 41 4.91 1.08 -19.08
CA SER A 41 3.60 1.68 -19.35
C SER A 41 2.64 1.45 -18.19
N GLY A 42 1.92 2.51 -17.82
CA GLY A 42 0.97 2.39 -16.72
C GLY A 42 1.53 2.90 -15.41
N GLY A 1 -1.53 -23.34 6.65
CA GLY A 1 -0.72 -22.39 5.91
C GLY A 1 -1.55 -21.37 5.17
N SER A 2 -2.11 -21.75 4.02
CA SER A 2 -2.93 -20.85 3.24
C SER A 2 -4.37 -20.85 3.72
N SER A 3 -4.55 -20.67 5.03
CA SER A 3 -5.87 -20.65 5.63
C SER A 3 -5.81 -20.12 7.06
N GLY A 4 -6.50 -19.00 7.30
CA GLY A 4 -6.51 -18.41 8.62
C GLY A 4 -5.82 -17.06 8.66
N SER A 5 -6.09 -16.22 7.66
CA SER A 5 -5.49 -14.90 7.58
C SER A 5 -6.37 -13.85 8.24
N SER A 6 -6.24 -13.70 9.55
CA SER A 6 -7.04 -12.74 10.30
C SER A 6 -6.51 -11.32 10.09
N GLY A 7 -7.05 -10.64 9.08
CA GLY A 7 -6.62 -9.29 8.80
C GLY A 7 -6.93 -8.87 7.37
N GLU A 8 -8.19 -9.03 6.96
CA GLU A 8 -8.61 -8.68 5.62
C GLU A 8 -8.37 -7.20 5.35
N LYS A 9 -7.59 -6.92 4.30
CA LYS A 9 -7.28 -5.54 3.93
C LYS A 9 -8.13 -5.08 2.77
N PRO A 10 -9.21 -4.34 3.07
CA PRO A 10 -10.13 -3.82 2.05
C PRO A 10 -9.50 -2.73 1.20
N TYR A 11 -8.30 -2.30 1.58
CA TYR A 11 -7.59 -1.26 0.85
C TYR A 11 -6.33 -1.83 0.19
N GLU A 12 -6.14 -1.49 -1.08
CA GLU A 12 -4.98 -1.96 -1.83
C GLU A 12 -4.37 -0.83 -2.66
N CYS A 13 -3.06 -0.86 -2.79
CA CYS A 13 -2.34 0.16 -3.55
C CYS A 13 -2.44 -0.10 -5.05
N THR A 14 -2.96 0.88 -5.79
CA THR A 14 -3.11 0.75 -7.24
C THR A 14 -1.85 1.20 -7.97
N ASP A 15 -0.71 1.11 -7.28
CA ASP A 15 0.57 1.51 -7.87
C ASP A 15 1.53 0.33 -7.91
N CYS A 16 1.49 -0.50 -6.86
CA CYS A 16 2.36 -1.67 -6.78
C CYS A 16 1.55 -2.94 -6.53
N GLY A 17 0.49 -2.80 -5.73
CA GLY A 17 -0.35 -3.95 -5.43
C GLY A 17 -0.32 -4.31 -3.95
N LYS A 18 0.06 -3.35 -3.12
CA LYS A 18 0.13 -3.58 -1.68
C LYS A 18 -1.27 -3.54 -1.06
N ALA A 19 -1.34 -3.86 0.23
CA ALA A 19 -2.62 -3.87 0.94
C ALA A 19 -2.48 -3.21 2.32
N PHE A 20 -3.59 -2.72 2.84
CA PHE A 20 -3.60 -2.08 4.15
C PHE A 20 -4.97 -2.17 4.80
N GLY A 21 -5.00 -2.66 6.04
CA GLY A 21 -6.26 -2.79 6.75
C GLY A 21 -6.91 -1.45 7.03
N LEU A 22 -6.12 -0.39 7.02
CA LEU A 22 -6.62 0.95 7.28
C LEU A 22 -6.63 1.78 6.00
N LYS A 23 -7.37 2.88 6.03
CA LYS A 23 -7.46 3.77 4.87
C LYS A 23 -6.34 4.81 4.89
N SER A 24 -5.87 5.14 6.09
CA SER A 24 -4.80 6.13 6.24
C SER A 24 -3.44 5.49 6.00
N GLN A 25 -3.35 4.19 6.29
CA GLN A 25 -2.09 3.46 6.11
C GLN A 25 -1.72 3.37 4.63
N LEU A 26 -2.74 3.35 3.78
CA LEU A 26 -2.52 3.25 2.34
C LEU A 26 -2.16 4.63 1.76
N ILE A 27 -2.96 5.63 2.09
CA ILE A 27 -2.73 6.99 1.62
C ILE A 27 -1.29 7.41 1.85
N ILE A 28 -0.78 7.13 3.04
CA ILE A 28 0.60 7.47 3.39
C ILE A 28 1.59 6.67 2.57
N HIS A 29 1.22 5.45 2.22
CA HIS A 29 2.07 4.57 1.42
C HIS A 29 2.20 5.08 -0.01
N GLN A 30 1.07 5.48 -0.59
CA GLN A 30 1.06 5.99 -1.95
C GLN A 30 2.05 7.13 -2.12
N ARG A 31 2.46 7.73 -1.01
CA ARG A 31 3.41 8.83 -1.03
C ARG A 31 4.73 8.40 -1.66
N THR A 32 5.09 7.13 -1.45
CA THR A 32 6.33 6.59 -1.98
C THR A 32 6.18 6.23 -3.46
N HIS A 33 5.04 6.58 -4.04
CA HIS A 33 4.76 6.30 -5.44
C HIS A 33 4.59 7.60 -6.23
N THR A 34 5.19 8.67 -5.74
CA THR A 34 5.10 9.97 -6.40
C THR A 34 6.49 10.53 -6.73
N GLY A 35 7.40 10.45 -5.75
CA GLY A 35 8.74 10.94 -5.96
C GLY A 35 9.70 9.85 -6.38
N GLU A 36 10.54 10.15 -7.37
CA GLU A 36 11.51 9.19 -7.86
C GLU A 36 12.64 8.98 -6.86
N SER A 37 12.67 7.81 -6.23
CA SER A 37 13.69 7.48 -5.25
C SER A 37 14.00 5.99 -5.25
N GLY A 38 15.24 5.65 -5.57
CA GLY A 38 15.64 4.25 -5.60
C GLY A 38 16.75 4.00 -6.60
N PRO A 39 17.63 3.04 -6.27
CA PRO A 39 18.76 2.67 -7.15
C PRO A 39 18.31 1.96 -8.40
N SER A 40 17.48 0.94 -8.24
CA SER A 40 16.98 0.16 -9.36
C SER A 40 15.46 0.31 -9.50
N SER A 41 14.97 0.24 -10.73
CA SER A 41 13.55 0.36 -10.99
C SER A 41 13.24 0.11 -12.46
N GLY A 42 12.24 -0.73 -12.71
CA GLY A 42 11.86 -1.06 -14.08
C GLY A 42 11.18 -2.41 -14.19
N GLY A 1 7.59 -5.90 15.52
CA GLY A 1 8.45 -6.76 14.73
C GLY A 1 8.11 -8.23 14.90
N SER A 2 6.84 -8.57 14.75
CA SER A 2 6.37 -9.94 14.89
C SER A 2 5.40 -10.31 13.78
N SER A 3 5.45 -11.57 13.35
CA SER A 3 4.58 -12.05 12.29
C SER A 3 3.18 -12.34 12.83
N GLY A 4 2.24 -11.45 12.53
CA GLY A 4 0.87 -11.62 12.99
C GLY A 4 -0.06 -10.54 12.45
N SER A 5 0.01 -10.30 11.15
CA SER A 5 -0.83 -9.30 10.51
C SER A 5 -1.75 -9.94 9.47
N SER A 6 -2.32 -11.08 9.82
CA SER A 6 -3.22 -11.80 8.93
C SER A 6 -4.65 -11.31 9.09
N GLY A 7 -4.99 -10.26 8.36
CA GLY A 7 -6.34 -9.71 8.43
C GLY A 7 -6.88 -9.31 7.07
N GLU A 8 -8.14 -8.90 7.04
CA GLU A 8 -8.78 -8.49 5.79
C GLU A 8 -8.50 -7.01 5.49
N LYS A 9 -7.75 -6.77 4.42
CA LYS A 9 -7.40 -5.42 4.02
C LYS A 9 -8.25 -4.97 2.84
N PRO A 10 -9.32 -4.21 3.12
CA PRO A 10 -10.23 -3.70 2.10
C PRO A 10 -9.58 -2.63 1.22
N TYR A 11 -8.36 -2.25 1.57
CA TYR A 11 -7.63 -1.23 0.83
C TYR A 11 -6.40 -1.82 0.15
N GLU A 12 -6.16 -1.41 -1.09
CA GLU A 12 -5.00 -1.91 -1.84
C GLU A 12 -4.35 -0.79 -2.63
N CYS A 13 -3.03 -0.84 -2.75
CA CYS A 13 -2.28 0.17 -3.48
C CYS A 13 -2.40 -0.04 -4.99
N THR A 14 -2.93 0.96 -5.68
CA THR A 14 -3.10 0.88 -7.12
C THR A 14 -1.82 1.30 -7.85
N ASP A 15 -0.69 1.14 -7.19
CA ASP A 15 0.60 1.50 -7.77
C ASP A 15 1.52 0.28 -7.85
N CYS A 16 1.49 -0.55 -6.81
CA CYS A 16 2.32 -1.74 -6.76
C CYS A 16 1.47 -2.98 -6.51
N GLY A 17 0.41 -2.81 -5.74
CA GLY A 17 -0.48 -3.93 -5.43
C GLY A 17 -0.45 -4.30 -3.96
N LYS A 18 0.01 -3.37 -3.12
CA LYS A 18 0.09 -3.61 -1.69
C LYS A 18 -1.31 -3.59 -1.06
N ALA A 19 -1.36 -3.86 0.24
CA ALA A 19 -2.62 -3.88 0.96
C ALA A 19 -2.48 -3.20 2.32
N PHE A 20 -3.61 -2.68 2.84
CA PHE A 20 -3.61 -2.01 4.13
C PHE A 20 -4.99 -2.09 4.78
N GLY A 21 -5.03 -2.62 6.00
CA GLY A 21 -6.28 -2.74 6.71
C GLY A 21 -6.95 -1.41 6.96
N LEU A 22 -6.15 -0.34 6.93
CA LEU A 22 -6.67 1.00 7.16
C LEU A 22 -6.64 1.82 5.88
N LYS A 23 -7.33 2.97 5.89
CA LYS A 23 -7.38 3.84 4.73
C LYS A 23 -6.24 4.86 4.75
N SER A 24 -5.82 5.22 5.95
CA SER A 24 -4.73 6.19 6.11
C SER A 24 -3.37 5.52 5.93
N GLN A 25 -3.31 4.24 6.27
CA GLN A 25 -2.06 3.48 6.14
C GLN A 25 -1.66 3.35 4.68
N LEU A 26 -2.65 3.29 3.79
CA LEU A 26 -2.40 3.17 2.37
C LEU A 26 -2.01 4.52 1.76
N ILE A 27 -2.85 5.52 1.98
CA ILE A 27 -2.60 6.85 1.46
C ILE A 27 -1.16 7.29 1.74
N ILE A 28 -0.70 7.04 2.95
CA ILE A 28 0.66 7.40 3.34
C ILE A 28 1.69 6.60 2.53
N HIS A 29 1.35 5.36 2.20
CA HIS A 29 2.24 4.51 1.43
C HIS A 29 2.29 4.94 -0.03
N GLN A 30 1.12 5.21 -0.60
CA GLN A 30 1.03 5.63 -1.99
C GLN A 30 1.95 6.82 -2.26
N ARG A 31 2.37 7.49 -1.19
CA ARG A 31 3.26 8.64 -1.31
C ARG A 31 4.61 8.23 -1.87
N THR A 32 5.21 7.21 -1.27
CA THR A 32 6.51 6.71 -1.71
C THR A 32 6.55 6.52 -3.23
N HIS A 33 5.37 6.29 -3.82
CA HIS A 33 5.27 6.09 -5.26
C HIS A 33 5.44 7.42 -6.00
N THR A 34 4.68 8.43 -5.56
CA THR A 34 4.74 9.74 -6.18
C THR A 34 5.90 10.57 -5.64
N GLY A 35 6.99 10.61 -6.39
CA GLY A 35 8.16 11.35 -5.98
C GLY A 35 9.40 10.99 -6.77
N GLU A 36 10.26 10.18 -6.17
CA GLU A 36 11.49 9.75 -6.82
C GLU A 36 11.34 8.35 -7.42
N SER A 37 12.32 7.95 -8.22
CA SER A 37 12.29 6.65 -8.86
C SER A 37 11.70 5.59 -7.92
N GLY A 38 10.81 4.78 -8.46
CA GLY A 38 10.18 3.74 -7.65
C GLY A 38 10.29 2.37 -8.29
N PRO A 39 9.38 1.46 -7.89
CA PRO A 39 9.36 0.09 -8.41
C PRO A 39 8.93 0.02 -9.88
N SER A 40 9.89 -0.21 -10.76
CA SER A 40 9.60 -0.28 -12.19
C SER A 40 9.72 -1.72 -12.70
N SER A 41 9.16 -2.65 -11.94
CA SER A 41 9.20 -4.07 -12.31
C SER A 41 8.08 -4.41 -13.28
N GLY A 42 8.14 -5.61 -13.85
CA GLY A 42 7.13 -6.05 -14.79
C GLY A 42 6.67 -4.92 -15.71
N GLY A 1 1.81 -16.63 12.49
CA GLY A 1 0.51 -16.54 13.10
C GLY A 1 0.49 -17.09 14.51
N SER A 2 1.09 -16.35 15.44
CA SER A 2 1.15 -16.78 16.83
C SER A 2 -0.19 -16.58 17.52
N SER A 3 -0.73 -15.36 17.41
CA SER A 3 -2.01 -15.04 18.03
C SER A 3 -3.10 -14.89 16.96
N GLY A 4 -2.83 -14.05 15.96
CA GLY A 4 -3.79 -13.83 14.90
C GLY A 4 -3.77 -12.41 14.38
N SER A 5 -4.86 -11.69 14.58
CA SER A 5 -4.96 -10.30 14.14
C SER A 5 -4.68 -10.20 12.64
N SER A 6 -5.18 -11.18 11.88
CA SER A 6 -4.98 -11.19 10.44
C SER A 6 -5.99 -10.30 9.73
N GLY A 7 -7.27 -10.56 9.96
CA GLY A 7 -8.32 -9.77 9.35
C GLY A 7 -8.15 -9.65 7.85
N GLU A 8 -8.81 -8.67 7.25
CA GLU A 8 -8.73 -8.45 5.82
C GLU A 8 -8.49 -6.97 5.50
N LYS A 9 -7.65 -6.71 4.52
CA LYS A 9 -7.34 -5.34 4.11
C LYS A 9 -8.11 -4.97 2.84
N PRO A 10 -9.23 -4.25 3.02
CA PRO A 10 -10.07 -3.80 1.92
C PRO A 10 -9.40 -2.72 1.08
N TYR A 11 -8.28 -2.22 1.56
CA TYR A 11 -7.54 -1.18 0.84
C TYR A 11 -6.28 -1.75 0.20
N GLU A 12 -6.15 -1.54 -1.10
CA GLU A 12 -4.99 -2.02 -1.85
C GLU A 12 -4.42 -0.93 -2.75
N CYS A 13 -3.09 -0.86 -2.82
CA CYS A 13 -2.42 0.14 -3.63
C CYS A 13 -2.57 -0.20 -5.12
N THR A 14 -3.09 0.76 -5.88
CA THR A 14 -3.28 0.57 -7.32
C THR A 14 -2.06 1.00 -8.10
N ASP A 15 -0.90 0.94 -7.45
CA ASP A 15 0.35 1.33 -8.09
C ASP A 15 1.34 0.18 -8.10
N CYS A 16 1.34 -0.60 -7.02
CA CYS A 16 2.24 -1.74 -6.90
C CYS A 16 1.46 -3.03 -6.61
N GLY A 17 0.43 -2.91 -5.78
CA GLY A 17 -0.38 -4.06 -5.44
C GLY A 17 -0.33 -4.39 -3.96
N LYS A 18 0.01 -3.40 -3.14
CA LYS A 18 0.10 -3.58 -1.70
C LYS A 18 -1.29 -3.57 -1.06
N ALA A 19 -1.33 -3.77 0.25
CA ALA A 19 -2.59 -3.78 0.98
C ALA A 19 -2.45 -3.09 2.34
N PHE A 20 -3.57 -2.63 2.89
CA PHE A 20 -3.56 -1.95 4.18
C PHE A 20 -4.93 -2.05 4.84
N GLY A 21 -4.96 -2.59 6.06
CA GLY A 21 -6.21 -2.73 6.78
C GLY A 21 -6.87 -1.40 7.06
N LEU A 22 -6.10 -0.32 6.91
CA LEU A 22 -6.61 1.02 7.15
C LEU A 22 -6.61 1.85 5.87
N LYS A 23 -7.27 3.01 5.91
CA LYS A 23 -7.34 3.89 4.76
C LYS A 23 -6.19 4.89 4.77
N SER A 24 -5.74 5.25 5.97
CA SER A 24 -4.65 6.21 6.13
C SER A 24 -3.31 5.53 5.90
N GLN A 25 -3.22 4.25 6.26
CA GLN A 25 -1.99 3.48 6.10
C GLN A 25 -1.59 3.39 4.63
N LEU A 26 -2.59 3.35 3.76
CA LEU A 26 -2.35 3.26 2.32
C LEU A 26 -1.98 4.63 1.75
N ILE A 27 -2.79 5.63 2.03
CA ILE A 27 -2.54 6.98 1.55
C ILE A 27 -1.09 7.39 1.78
N ILE A 28 -0.60 7.13 2.99
CA ILE A 28 0.77 7.47 3.34
C ILE A 28 1.77 6.68 2.50
N HIS A 29 1.36 5.48 2.09
CA HIS A 29 2.22 4.63 1.27
C HIS A 29 2.29 5.13 -0.17
N GLN A 30 1.13 5.47 -0.73
CA GLN A 30 1.06 5.97 -2.10
C GLN A 30 1.99 7.16 -2.29
N ARG A 31 2.43 7.75 -1.19
CA ARG A 31 3.32 8.90 -1.23
C ARG A 31 4.68 8.51 -1.82
N THR A 32 5.29 7.46 -1.26
CA THR A 32 6.58 6.99 -1.72
C THR A 32 6.57 6.77 -3.22
N HIS A 33 5.42 6.42 -3.76
CA HIS A 33 5.28 6.18 -5.20
C HIS A 33 5.39 7.48 -5.98
N THR A 34 4.52 8.44 -5.66
CA THR A 34 4.52 9.72 -6.34
C THR A 34 5.85 10.45 -6.15
N GLY A 35 6.62 10.00 -5.16
CA GLY A 35 7.91 10.62 -4.90
C GLY A 35 9.06 9.86 -5.54
N GLU A 36 10.27 10.36 -5.36
CA GLU A 36 11.45 9.72 -5.93
C GLU A 36 11.77 8.42 -5.19
N SER A 37 11.47 7.30 -5.82
CA SER A 37 11.70 5.99 -5.23
C SER A 37 13.11 5.50 -5.56
N GLY A 38 13.63 4.59 -4.74
CA GLY A 38 14.96 4.05 -4.97
C GLY A 38 15.16 3.58 -6.40
N PRO A 39 14.97 2.28 -6.63
CA PRO A 39 15.13 1.68 -7.96
C PRO A 39 14.03 2.11 -8.93
N SER A 40 13.10 2.93 -8.43
CA SER A 40 12.00 3.41 -9.24
C SER A 40 11.32 2.26 -9.99
N SER A 41 11.14 1.14 -9.29
CA SER A 41 10.52 -0.04 -9.88
C SER A 41 9.05 0.23 -10.21
N GLY A 42 8.80 0.71 -11.42
CA GLY A 42 7.44 1.00 -11.85
C GLY A 42 7.07 2.46 -11.63
N GLY A 1 9.60 -15.72 8.66
CA GLY A 1 8.50 -16.55 9.11
C GLY A 1 7.16 -16.10 8.55
N SER A 2 6.63 -15.00 9.10
CA SER A 2 5.36 -14.47 8.65
C SER A 2 4.33 -15.58 8.48
N SER A 3 4.31 -16.51 9.42
CA SER A 3 3.38 -17.64 9.37
C SER A 3 2.31 -17.50 10.45
N GLY A 4 1.08 -17.22 10.01
CA GLY A 4 -0.02 -17.06 10.95
C GLY A 4 -1.30 -16.62 10.27
N SER A 5 -2.42 -16.81 10.96
CA SER A 5 -3.72 -16.43 10.42
C SER A 5 -3.69 -15.01 9.87
N SER A 6 -3.69 -14.88 8.55
CA SER A 6 -3.67 -13.57 7.91
C SER A 6 -4.89 -12.75 8.29
N GLY A 7 -4.85 -11.46 7.96
CA GLY A 7 -5.97 -10.59 8.28
C GLY A 7 -6.75 -10.17 7.04
N GLU A 8 -7.44 -9.04 7.13
CA GLU A 8 -8.23 -8.54 6.01
C GLU A 8 -7.92 -7.08 5.74
N LYS A 9 -7.69 -6.75 4.47
CA LYS A 9 -7.36 -5.38 4.08
C LYS A 9 -8.16 -4.98 2.84
N PRO A 10 -9.28 -4.27 3.06
CA PRO A 10 -10.16 -3.81 1.97
C PRO A 10 -9.50 -2.71 1.14
N TYR A 11 -8.33 -2.26 1.57
CA TYR A 11 -7.60 -1.21 0.86
C TYR A 11 -6.32 -1.76 0.23
N GLU A 12 -6.09 -1.41 -1.03
CA GLU A 12 -4.91 -1.87 -1.74
C GLU A 12 -4.30 -0.74 -2.57
N CYS A 13 -2.98 -0.77 -2.73
CA CYS A 13 -2.27 0.24 -3.51
C CYS A 13 -2.30 -0.09 -5.00
N THR A 14 -3.00 0.73 -5.77
CA THR A 14 -3.10 0.52 -7.21
C THR A 14 -1.76 0.75 -7.90
N ASP A 15 -0.85 1.44 -7.21
CA ASP A 15 0.47 1.72 -7.76
C ASP A 15 1.28 0.44 -7.90
N CYS A 16 1.41 -0.30 -6.79
CA CYS A 16 2.17 -1.54 -6.80
C CYS A 16 1.25 -2.74 -6.59
N GLY A 17 0.32 -2.61 -5.65
CA GLY A 17 -0.62 -3.68 -5.37
C GLY A 17 -0.58 -4.12 -3.92
N LYS A 18 -0.05 -3.26 -3.05
CA LYS A 18 0.05 -3.57 -1.64
C LYS A 18 -1.33 -3.57 -0.98
N ALA A 19 -1.37 -3.91 0.30
CA ALA A 19 -2.63 -3.95 1.04
C ALA A 19 -2.48 -3.26 2.40
N PHE A 20 -3.58 -2.69 2.88
CA PHE A 20 -3.58 -1.99 4.16
C PHE A 20 -4.96 -2.07 4.83
N GLY A 21 -4.99 -2.63 6.03
CA GLY A 21 -6.24 -2.76 6.75
C GLY A 21 -6.91 -1.42 7.00
N LEU A 22 -6.13 -0.34 6.89
CA LEU A 22 -6.65 1.00 7.11
C LEU A 22 -6.67 1.79 5.80
N LYS A 23 -7.35 2.94 5.82
CA LYS A 23 -7.43 3.79 4.64
C LYS A 23 -6.30 4.80 4.62
N SER A 24 -5.90 5.26 5.81
CA SER A 24 -4.82 6.24 5.92
C SER A 24 -3.46 5.57 5.80
N GLN A 25 -3.39 4.29 6.17
CA GLN A 25 -2.15 3.53 6.10
C GLN A 25 -1.70 3.37 4.65
N LEU A 26 -2.65 3.30 3.74
CA LEU A 26 -2.34 3.15 2.32
C LEU A 26 -1.98 4.50 1.70
N ILE A 27 -2.82 5.50 1.91
CA ILE A 27 -2.59 6.83 1.38
C ILE A 27 -1.16 7.29 1.66
N ILE A 28 -0.71 7.07 2.90
CA ILE A 28 0.63 7.46 3.31
C ILE A 28 1.69 6.67 2.54
N HIS A 29 1.37 5.41 2.24
CA HIS A 29 2.29 4.53 1.52
C HIS A 29 2.46 5.01 0.08
N GLN A 30 1.34 5.21 -0.61
CA GLN A 30 1.36 5.65 -2.00
C GLN A 30 2.33 6.80 -2.18
N ARG A 31 2.60 7.53 -1.10
CA ARG A 31 3.51 8.66 -1.14
C ARG A 31 4.87 8.24 -1.69
N THR A 32 5.32 7.05 -1.31
CA THR A 32 6.60 6.54 -1.78
C THR A 32 6.65 6.46 -3.30
N HIS A 33 5.53 6.07 -3.90
CA HIS A 33 5.44 5.96 -5.35
C HIS A 33 5.46 7.33 -6.01
N THR A 34 4.58 8.22 -5.55
CA THR A 34 4.50 9.56 -6.09
C THR A 34 5.61 10.46 -5.53
N GLY A 35 6.75 10.46 -6.21
CA GLY A 35 7.87 11.27 -5.77
C GLY A 35 9.03 11.24 -6.74
N GLU A 36 10.07 10.47 -6.40
CA GLU A 36 11.24 10.36 -7.26
C GLU A 36 12.03 9.09 -6.93
N SER A 37 12.66 8.51 -7.95
CA SER A 37 13.44 7.30 -7.77
C SER A 37 12.63 6.22 -7.06
N GLY A 38 11.39 6.02 -7.52
CA GLY A 38 10.53 5.03 -6.92
C GLY A 38 10.73 3.64 -7.51
N PRO A 39 9.95 2.67 -7.02
CA PRO A 39 10.03 1.28 -7.49
C PRO A 39 9.51 1.13 -8.92
N SER A 40 9.13 2.24 -9.53
CA SER A 40 8.62 2.22 -10.90
C SER A 40 9.32 1.15 -11.73
N SER A 41 10.65 1.21 -11.75
CA SER A 41 11.43 0.25 -12.52
C SER A 41 10.90 -1.16 -12.33
N GLY A 42 10.85 -1.60 -11.07
CA GLY A 42 10.35 -2.93 -10.78
C GLY A 42 9.10 -3.28 -11.55
N GLY A 1 4.45 -17.52 8.87
CA GLY A 1 3.87 -17.50 10.21
C GLY A 1 2.67 -16.57 10.30
N SER A 2 1.52 -17.13 10.68
CA SER A 2 0.30 -16.34 10.80
C SER A 2 -0.02 -16.04 12.27
N SER A 3 -0.89 -15.07 12.49
CA SER A 3 -1.27 -14.68 13.84
C SER A 3 -2.74 -14.99 14.10
N GLY A 4 -3.17 -14.81 15.35
CA GLY A 4 -4.55 -15.08 15.71
C GLY A 4 -5.53 -14.53 14.69
N SER A 5 -5.45 -13.22 14.44
CA SER A 5 -6.33 -12.58 13.48
C SER A 5 -5.59 -12.25 12.19
N SER A 6 -6.19 -12.63 11.06
CA SER A 6 -5.59 -12.39 9.76
C SER A 6 -5.51 -10.89 9.47
N GLY A 7 -6.59 -10.19 9.73
CA GLY A 7 -6.63 -8.76 9.50
C GLY A 7 -6.77 -8.41 8.03
N GLU A 8 -7.95 -8.67 7.47
CA GLU A 8 -8.20 -8.39 6.07
C GLU A 8 -7.95 -6.92 5.75
N LYS A 9 -7.55 -6.65 4.51
CA LYS A 9 -7.27 -5.28 4.09
C LYS A 9 -8.04 -4.94 2.82
N PRO A 10 -9.19 -4.26 2.99
CA PRO A 10 -10.05 -3.86 1.89
C PRO A 10 -9.42 -2.77 1.03
N TYR A 11 -8.29 -2.23 1.49
CA TYR A 11 -7.59 -1.17 0.77
C TYR A 11 -6.33 -1.71 0.12
N GLU A 12 -6.20 -1.46 -1.19
CA GLU A 12 -5.03 -1.93 -1.93
C GLU A 12 -4.38 -0.78 -2.69
N CYS A 13 -3.07 -0.86 -2.87
CA CYS A 13 -2.32 0.18 -3.56
C CYS A 13 -2.39 -0.03 -5.08
N THR A 14 -2.86 1.00 -5.78
CA THR A 14 -2.98 0.93 -7.23
C THR A 14 -1.66 1.31 -7.91
N ASP A 15 -0.57 1.14 -7.19
CA ASP A 15 0.75 1.47 -7.73
C ASP A 15 1.65 0.23 -7.76
N CYS A 16 1.55 -0.59 -6.71
CA CYS A 16 2.35 -1.80 -6.62
C CYS A 16 1.46 -3.02 -6.39
N GLY A 17 0.37 -2.83 -5.65
CA GLY A 17 -0.54 -3.92 -5.36
C GLY A 17 -0.54 -4.32 -3.90
N LYS A 18 -0.07 -3.41 -3.05
CA LYS A 18 -0.02 -3.67 -1.62
C LYS A 18 -1.41 -3.62 -1.01
N ALA A 19 -1.50 -3.96 0.27
CA ALA A 19 -2.77 -3.96 0.98
C ALA A 19 -2.63 -3.33 2.37
N PHE A 20 -3.66 -2.61 2.80
CA PHE A 20 -3.65 -1.96 4.11
C PHE A 20 -5.03 -2.02 4.76
N GLY A 21 -5.06 -2.46 6.01
CA GLY A 21 -6.32 -2.56 6.74
C GLY A 21 -6.96 -1.21 6.97
N LEU A 22 -6.17 -0.15 6.86
CA LEU A 22 -6.67 1.21 7.06
C LEU A 22 -6.54 2.03 5.79
N LYS A 23 -7.32 3.11 5.70
CA LYS A 23 -7.29 3.98 4.53
C LYS A 23 -6.14 4.98 4.63
N SER A 24 -5.76 5.32 5.85
CA SER A 24 -4.67 6.27 6.08
C SER A 24 -3.31 5.58 5.94
N GLN A 25 -3.28 4.28 6.25
CA GLN A 25 -2.04 3.52 6.15
C GLN A 25 -1.62 3.33 4.70
N LEU A 26 -2.59 3.33 3.80
CA LEU A 26 -2.33 3.16 2.38
C LEU A 26 -1.87 4.47 1.75
N ILE A 27 -2.63 5.53 2.00
CA ILE A 27 -2.30 6.85 1.45
C ILE A 27 -0.84 7.20 1.73
N ILE A 28 -0.43 7.08 2.98
CA ILE A 28 0.94 7.38 3.37
C ILE A 28 1.93 6.58 2.54
N HIS A 29 1.56 5.35 2.21
CA HIS A 29 2.43 4.48 1.42
C HIS A 29 2.54 4.99 -0.02
N GLN A 30 1.40 5.23 -0.66
CA GLN A 30 1.37 5.72 -2.03
C GLN A 30 2.37 6.86 -2.22
N ARG A 31 2.70 7.54 -1.12
CA ARG A 31 3.63 8.65 -1.16
C ARG A 31 4.95 8.24 -1.81
N THR A 32 5.38 7.01 -1.52
CA THR A 32 6.62 6.49 -2.08
C THR A 32 6.55 6.41 -3.61
N HIS A 33 5.34 6.25 -4.12
CA HIS A 33 5.14 6.16 -5.57
C HIS A 33 5.08 7.55 -6.20
N THR A 34 4.07 8.33 -5.81
CA THR A 34 3.90 9.67 -6.34
C THR A 34 5.24 10.39 -6.47
N GLY A 35 6.08 10.26 -5.45
CA GLY A 35 7.39 10.89 -5.47
C GLY A 35 7.95 11.08 -4.08
N GLU A 36 8.35 12.31 -3.77
CA GLU A 36 8.92 12.63 -2.47
C GLU A 36 10.15 11.77 -2.20
N SER A 37 10.96 11.56 -3.23
CA SER A 37 12.17 10.75 -3.11
C SER A 37 13.33 11.59 -2.58
N GLY A 38 13.68 12.64 -3.31
CA GLY A 38 14.77 13.50 -2.91
C GLY A 38 14.70 14.88 -3.56
N PRO A 39 15.16 15.90 -2.84
CA PRO A 39 15.16 17.28 -3.33
C PRO A 39 16.16 17.50 -4.45
N SER A 40 15.70 18.12 -5.53
CA SER A 40 16.56 18.38 -6.68
C SER A 40 16.81 19.88 -6.84
N SER A 41 17.82 20.39 -6.14
CA SER A 41 18.16 21.80 -6.19
C SER A 41 18.14 22.30 -7.64
N GLY A 42 17.07 23.00 -7.99
CA GLY A 42 16.95 23.54 -9.34
C GLY A 42 15.82 22.89 -10.11
N GLY A 1 6.74 -12.88 11.31
CA GLY A 1 5.63 -12.45 10.49
C GLY A 1 4.51 -13.47 10.44
N SER A 2 4.03 -13.87 11.61
CA SER A 2 2.96 -14.85 11.71
C SER A 2 1.66 -14.20 12.17
N SER A 3 1.68 -13.63 13.36
CA SER A 3 0.51 -12.97 13.93
C SER A 3 0.37 -11.54 13.39
N GLY A 4 -0.86 -11.06 13.32
CA GLY A 4 -1.10 -9.71 12.82
C GLY A 4 -1.14 -9.67 11.30
N SER A 5 0.04 -9.67 10.68
CA SER A 5 0.13 -9.61 9.23
C SER A 5 -0.77 -10.66 8.58
N SER A 6 -0.82 -10.66 7.26
CA SER A 6 -1.65 -11.60 6.52
C SER A 6 -3.11 -11.48 6.94
N GLY A 7 -3.57 -10.24 7.12
CA GLY A 7 -4.94 -10.02 7.52
C GLY A 7 -5.80 -9.52 6.38
N GLU A 8 -7.07 -9.24 6.67
CA GLU A 8 -8.00 -8.75 5.65
C GLU A 8 -7.92 -7.24 5.53
N LYS A 9 -7.54 -6.77 4.34
CA LYS A 9 -7.43 -5.35 4.08
C LYS A 9 -8.21 -4.94 2.83
N PRO A 10 -9.31 -4.19 3.04
CA PRO A 10 -10.17 -3.73 1.95
C PRO A 10 -9.50 -2.69 1.08
N TYR A 11 -8.36 -2.17 1.55
CA TYR A 11 -7.61 -1.16 0.81
C TYR A 11 -6.36 -1.76 0.18
N GLU A 12 -6.18 -1.53 -1.11
CA GLU A 12 -5.03 -2.05 -1.83
C GLU A 12 -4.41 -0.97 -2.72
N CYS A 13 -3.08 -0.93 -2.76
CA CYS A 13 -2.37 0.05 -3.56
C CYS A 13 -2.40 -0.33 -5.04
N THR A 14 -2.99 0.55 -5.85
CA THR A 14 -3.10 0.31 -7.29
C THR A 14 -1.74 0.48 -7.98
N ASP A 15 -0.82 1.17 -7.29
CA ASP A 15 0.50 1.41 -7.84
C ASP A 15 1.28 0.10 -7.98
N CYS A 16 1.39 -0.64 -6.87
CA CYS A 16 2.10 -1.90 -6.86
C CYS A 16 1.14 -3.07 -6.61
N GLY A 17 0.23 -2.88 -5.66
CA GLY A 17 -0.73 -3.92 -5.33
C GLY A 17 -0.71 -4.28 -3.86
N LYS A 18 -0.11 -3.42 -3.05
CA LYS A 18 -0.03 -3.66 -1.61
C LYS A 18 -1.40 -3.59 -0.97
N ALA A 19 -1.45 -3.81 0.34
CA ALA A 19 -2.71 -3.77 1.07
C ALA A 19 -2.56 -3.03 2.40
N PHE A 20 -3.67 -2.52 2.91
CA PHE A 20 -3.65 -1.78 4.18
C PHE A 20 -5.01 -1.85 4.86
N GLY A 21 -5.08 -2.55 5.99
CA GLY A 21 -6.32 -2.67 6.72
C GLY A 21 -6.97 -1.33 7.00
N LEU A 22 -6.18 -0.26 6.88
CA LEU A 22 -6.68 1.09 7.12
C LEU A 22 -6.67 1.91 5.84
N LYS A 23 -7.29 3.09 5.90
CA LYS A 23 -7.35 3.97 4.74
C LYS A 23 -6.19 4.96 4.76
N SER A 24 -5.69 5.27 5.94
CA SER A 24 -4.58 6.20 6.09
C SER A 24 -3.24 5.49 5.91
N GLN A 25 -3.22 4.20 6.22
CA GLN A 25 -2.00 3.40 6.08
C GLN A 25 -1.62 3.22 4.62
N LEU A 26 -2.61 3.36 3.74
CA LEU A 26 -2.38 3.21 2.30
C LEU A 26 -1.98 4.55 1.68
N ILE A 27 -2.75 5.58 1.98
CA ILE A 27 -2.46 6.91 1.44
C ILE A 27 -1.02 7.32 1.71
N ILE A 28 -0.52 6.99 2.89
CA ILE A 28 0.85 7.31 3.26
C ILE A 28 1.85 6.49 2.45
N HIS A 29 1.44 5.29 2.05
CA HIS A 29 2.29 4.40 1.28
C HIS A 29 2.38 4.88 -0.17
N GLN A 30 1.23 5.22 -0.75
CA GLN A 30 1.19 5.68 -2.13
C GLN A 30 2.15 6.84 -2.36
N ARG A 31 2.54 7.49 -1.26
CA ARG A 31 3.47 8.62 -1.33
C ARG A 31 4.82 8.17 -1.88
N THR A 32 5.38 7.13 -1.29
CA THR A 32 6.68 6.61 -1.72
C THR A 32 6.69 6.35 -3.22
N HIS A 33 5.52 6.07 -3.78
CA HIS A 33 5.41 5.80 -5.21
C HIS A 33 5.58 7.08 -6.02
N THR A 34 5.09 8.19 -5.47
CA THR A 34 5.20 9.48 -6.14
C THR A 34 6.19 10.39 -5.44
N GLY A 35 6.31 11.62 -5.93
CA GLY A 35 7.23 12.57 -5.33
C GLY A 35 8.62 12.51 -5.94
N GLU A 36 9.23 11.33 -5.90
CA GLU A 36 10.56 11.13 -6.45
C GLU A 36 10.48 10.59 -7.88
N SER A 37 11.65 10.42 -8.49
CA SER A 37 11.72 9.91 -9.86
C SER A 37 13.09 9.30 -10.14
N GLY A 38 13.20 8.59 -11.26
CA GLY A 38 14.46 7.97 -11.62
C GLY A 38 14.26 6.63 -12.31
N PRO A 39 15.21 6.28 -13.20
CA PRO A 39 15.16 5.02 -13.94
C PRO A 39 15.40 3.80 -13.05
N SER A 40 16.47 3.85 -12.26
CA SER A 40 16.82 2.76 -11.36
C SER A 40 15.91 2.75 -10.14
N SER A 41 15.88 3.87 -9.43
CA SER A 41 15.04 3.99 -8.25
C SER A 41 13.63 4.45 -8.60
N GLY A 42 13.09 3.88 -9.68
CA GLY A 42 11.75 4.23 -10.11
C GLY A 42 10.79 3.06 -10.05
N GLY A 1 -17.06 -8.54 -1.67
CA GLY A 1 -16.85 -9.82 -1.03
C GLY A 1 -17.77 -10.01 0.17
N SER A 2 -17.23 -9.78 1.36
CA SER A 2 -18.00 -9.94 2.59
C SER A 2 -18.37 -11.41 2.82
N SER A 3 -17.42 -12.30 2.58
CA SER A 3 -17.64 -13.72 2.75
C SER A 3 -17.25 -14.17 4.16
N GLY A 4 -15.99 -13.96 4.51
CA GLY A 4 -15.52 -14.34 5.83
C GLY A 4 -15.45 -13.17 6.78
N SER A 5 -15.21 -13.46 8.06
CA SER A 5 -15.13 -12.42 9.07
C SER A 5 -13.78 -12.46 9.78
N SER A 6 -12.72 -12.67 9.01
CA SER A 6 -11.37 -12.73 9.56
C SER A 6 -10.71 -11.36 9.54
N GLY A 7 -10.73 -10.73 8.37
CA GLY A 7 -10.12 -9.41 8.24
C GLY A 7 -9.16 -9.33 7.07
N GLU A 8 -9.68 -8.93 5.92
CA GLU A 8 -8.87 -8.81 4.71
C GLU A 8 -8.73 -7.35 4.28
N LYS A 9 -7.52 -6.82 4.39
CA LYS A 9 -7.26 -5.44 4.01
C LYS A 9 -8.05 -5.05 2.77
N PRO A 10 -9.18 -4.35 2.98
CA PRO A 10 -10.05 -3.91 1.89
C PRO A 10 -9.41 -2.81 1.05
N TYR A 11 -8.28 -2.30 1.52
CA TYR A 11 -7.56 -1.25 0.81
C TYR A 11 -6.26 -1.77 0.20
N GLU A 12 -6.11 -1.56 -1.11
CA GLU A 12 -4.91 -2.02 -1.81
C GLU A 12 -4.35 -0.91 -2.69
N CYS A 13 -3.01 -0.80 -2.70
CA CYS A 13 -2.34 0.22 -3.49
C CYS A 13 -2.55 -0.02 -4.98
N THR A 14 -3.16 0.95 -5.67
CA THR A 14 -3.42 0.84 -7.09
C THR A 14 -2.18 1.21 -7.91
N ASP A 15 -1.02 1.11 -7.28
CA ASP A 15 0.24 1.42 -7.95
C ASP A 15 1.19 0.23 -7.92
N CYS A 16 1.14 -0.53 -6.82
CA CYS A 16 2.00 -1.69 -6.67
C CYS A 16 1.18 -2.94 -6.34
N GLY A 17 0.13 -2.75 -5.54
CA GLY A 17 -0.72 -3.86 -5.17
C GLY A 17 -0.71 -4.12 -3.67
N LYS A 18 0.13 -3.39 -2.95
CA LYS A 18 0.24 -3.54 -1.50
C LYS A 18 -1.15 -3.52 -0.85
N ALA A 19 -1.23 -4.08 0.36
CA ALA A 19 -2.49 -4.12 1.08
C ALA A 19 -2.38 -3.39 2.41
N PHE A 20 -3.45 -2.71 2.80
CA PHE A 20 -3.47 -1.97 4.06
C PHE A 20 -4.83 -2.07 4.74
N GLY A 21 -4.84 -2.52 5.98
CA GLY A 21 -6.09 -2.65 6.71
C GLY A 21 -6.76 -1.32 6.96
N LEU A 22 -5.99 -0.25 6.88
CA LEU A 22 -6.52 1.10 7.11
C LEU A 22 -6.47 1.91 5.82
N LYS A 23 -7.33 2.94 5.75
CA LYS A 23 -7.38 3.80 4.58
C LYS A 23 -6.26 4.83 4.60
N SER A 24 -5.79 5.16 5.80
CA SER A 24 -4.71 6.12 5.97
C SER A 24 -3.35 5.47 5.76
N GLN A 25 -3.24 4.20 6.13
CA GLN A 25 -1.99 3.47 5.98
C GLN A 25 -1.64 3.26 4.51
N LEU A 26 -2.66 3.32 3.65
CA LEU A 26 -2.47 3.16 2.22
C LEU A 26 -2.11 4.48 1.55
N ILE A 27 -2.86 5.52 1.89
CA ILE A 27 -2.62 6.84 1.33
C ILE A 27 -1.19 7.30 1.58
N ILE A 28 -0.75 7.18 2.83
CA ILE A 28 0.60 7.58 3.20
C ILE A 28 1.64 6.81 2.41
N HIS A 29 1.34 5.53 2.13
CA HIS A 29 2.25 4.68 1.37
C HIS A 29 2.39 5.17 -0.06
N GLN A 30 1.26 5.34 -0.74
CA GLN A 30 1.25 5.80 -2.12
C GLN A 30 2.22 6.97 -2.30
N ARG A 31 2.50 7.68 -1.22
CA ARG A 31 3.40 8.82 -1.26
C ARG A 31 4.75 8.42 -1.84
N THR A 32 5.24 7.25 -1.45
CA THR A 32 6.53 6.75 -1.93
C THR A 32 6.55 6.69 -3.44
N HIS A 33 5.43 6.32 -4.05
CA HIS A 33 5.33 6.22 -5.49
C HIS A 33 5.41 7.59 -6.14
N THR A 34 4.62 8.54 -5.62
CA THR A 34 4.61 9.89 -6.15
C THR A 34 5.77 10.72 -5.60
N GLY A 35 6.96 10.11 -5.59
CA GLY A 35 8.13 10.81 -5.08
C GLY A 35 9.33 9.89 -4.95
N GLU A 36 9.79 9.35 -6.07
CA GLU A 36 10.94 8.44 -6.08
C GLU A 36 12.19 9.14 -6.59
N SER A 37 12.09 9.72 -7.78
CA SER A 37 13.21 10.42 -8.39
C SER A 37 12.75 11.24 -9.60
N GLY A 38 13.68 12.00 -10.17
CA GLY A 38 13.35 12.82 -11.33
C GLY A 38 12.78 12.00 -12.47
N PRO A 39 13.64 11.61 -13.42
CA PRO A 39 13.24 10.82 -14.59
C PRO A 39 12.85 9.39 -14.21
N SER A 40 11.60 9.21 -13.80
CA SER A 40 11.12 7.88 -13.41
C SER A 40 11.11 6.94 -14.60
N SER A 41 11.38 5.66 -14.33
CA SER A 41 11.41 4.65 -15.39
C SER A 41 11.46 3.24 -14.79
N GLY A 42 11.23 2.24 -15.63
CA GLY A 42 11.27 0.87 -15.17
C GLY A 42 12.28 0.02 -15.93
N GLY A 1 -17.23 -9.52 -1.68
CA GLY A 1 -16.19 -9.85 -0.72
C GLY A 1 -16.52 -9.38 0.69
N SER A 2 -17.31 -10.18 1.40
CA SER A 2 -17.70 -9.84 2.76
C SER A 2 -16.52 -9.97 3.72
N SER A 3 -15.85 -8.86 3.98
CA SER A 3 -14.70 -8.85 4.88
C SER A 3 -14.90 -9.83 6.04
N GLY A 4 -16.05 -9.72 6.69
CA GLY A 4 -16.35 -10.60 7.81
C GLY A 4 -15.52 -10.29 9.03
N SER A 5 -15.03 -11.33 9.69
CA SER A 5 -14.22 -11.16 10.89
C SER A 5 -12.73 -11.34 10.57
N SER A 6 -12.43 -12.39 9.80
CA SER A 6 -11.05 -12.68 9.44
C SER A 6 -10.30 -11.40 9.06
N GLY A 7 -9.03 -11.34 9.42
CA GLY A 7 -8.23 -10.17 9.12
C GLY A 7 -8.00 -9.99 7.63
N GLU A 8 -8.57 -8.93 7.08
CA GLU A 8 -8.44 -8.65 5.66
C GLU A 8 -8.16 -7.16 5.42
N LYS A 9 -7.57 -6.85 4.28
CA LYS A 9 -7.24 -5.47 3.93
C LYS A 9 -8.08 -5.00 2.75
N PRO A 10 -9.18 -4.26 3.05
CA PRO A 10 -10.08 -3.73 2.02
C PRO A 10 -9.43 -2.62 1.20
N TYR A 11 -8.23 -2.23 1.58
CA TYR A 11 -7.50 -1.18 0.88
C TYR A 11 -6.23 -1.72 0.24
N GLU A 12 -6.09 -1.49 -1.06
CA GLU A 12 -4.92 -1.96 -1.80
C GLU A 12 -4.35 -0.84 -2.68
N CYS A 13 -3.03 -0.84 -2.82
CA CYS A 13 -2.35 0.16 -3.63
C CYS A 13 -2.39 -0.22 -5.12
N THR A 14 -3.07 0.59 -5.91
CA THR A 14 -3.19 0.34 -7.34
C THR A 14 -1.86 0.60 -8.04
N ASP A 15 -0.94 1.24 -7.35
CA ASP A 15 0.37 1.55 -7.91
C ASP A 15 1.21 0.27 -8.06
N CYS A 16 1.35 -0.47 -6.96
CA CYS A 16 2.13 -1.70 -6.97
C CYS A 16 1.23 -2.90 -6.68
N GLY A 17 0.29 -2.73 -5.76
CA GLY A 17 -0.62 -3.81 -5.42
C GLY A 17 -0.58 -4.16 -3.95
N LYS A 18 0.02 -3.29 -3.15
CA LYS A 18 0.13 -3.51 -1.71
C LYS A 18 -1.25 -3.53 -1.06
N ALA A 19 -1.28 -3.79 0.24
CA ALA A 19 -2.53 -3.84 0.99
C ALA A 19 -2.39 -3.16 2.35
N PHE A 20 -3.51 -2.66 2.86
CA PHE A 20 -3.52 -1.98 4.15
C PHE A 20 -4.88 -2.10 4.82
N GLY A 21 -4.91 -2.66 6.02
CA GLY A 21 -6.16 -2.81 6.75
C GLY A 21 -6.82 -1.48 7.04
N LEU A 22 -6.06 -0.40 6.89
CA LEU A 22 -6.59 0.94 7.15
C LEU A 22 -6.59 1.78 5.87
N LYS A 23 -7.31 2.89 5.91
CA LYS A 23 -7.40 3.78 4.76
C LYS A 23 -6.28 4.82 4.80
N SER A 24 -5.83 5.17 5.99
CA SER A 24 -4.77 6.15 6.16
C SER A 24 -3.40 5.51 5.94
N GLN A 25 -3.31 4.20 6.20
CA GLN A 25 -2.06 3.48 6.04
C GLN A 25 -1.68 3.38 4.58
N LEU A 26 -2.68 3.39 3.70
CA LEU A 26 -2.44 3.30 2.26
C LEU A 26 -2.09 4.67 1.68
N ILE A 27 -2.90 5.67 2.00
CA ILE A 27 -2.68 7.02 1.51
C ILE A 27 -1.24 7.47 1.78
N ILE A 28 -0.74 7.12 2.96
CA ILE A 28 0.62 7.48 3.34
C ILE A 28 1.65 6.69 2.52
N HIS A 29 1.27 5.49 2.11
CA HIS A 29 2.15 4.64 1.31
C HIS A 29 2.27 5.15 -0.11
N GLN A 30 1.13 5.49 -0.72
CA GLN A 30 1.10 5.98 -2.08
C GLN A 30 2.05 7.18 -2.25
N ARG A 31 2.46 7.75 -1.12
CA ARG A 31 3.36 8.90 -1.14
C ARG A 31 4.73 8.50 -1.70
N THR A 32 5.32 7.45 -1.14
CA THR A 32 6.62 6.98 -1.58
C THR A 32 6.62 6.68 -3.08
N HIS A 33 5.43 6.43 -3.63
CA HIS A 33 5.29 6.13 -5.05
C HIS A 33 5.48 7.39 -5.89
N THR A 34 4.64 8.39 -5.64
CA THR A 34 4.71 9.64 -6.37
C THR A 34 6.13 10.19 -6.40
N GLY A 35 6.84 10.04 -5.28
CA GLY A 35 8.21 10.52 -5.22
C GLY A 35 9.02 10.12 -6.42
N GLU A 36 8.84 8.90 -6.89
CA GLU A 36 9.57 8.40 -8.05
C GLU A 36 8.75 8.58 -9.33
N SER A 37 7.48 8.18 -9.26
CA SER A 37 6.59 8.29 -10.41
C SER A 37 6.38 9.76 -10.80
N GLY A 38 5.70 9.98 -11.92
CA GLY A 38 5.44 11.33 -12.37
C GLY A 38 6.55 11.88 -13.23
N PRO A 39 6.49 11.60 -14.54
CA PRO A 39 7.51 12.07 -15.50
C PRO A 39 7.45 13.57 -15.72
N SER A 40 6.35 14.19 -15.31
CA SER A 40 6.16 15.62 -15.46
C SER A 40 5.67 16.25 -14.17
N SER A 41 4.51 15.80 -13.69
CA SER A 41 3.94 16.32 -12.45
C SER A 41 2.98 15.31 -11.83
N GLY A 42 2.49 15.63 -10.63
CA GLY A 42 1.57 14.73 -9.96
C GLY A 42 2.29 13.65 -9.17
N GLY A 1 3.82 -19.75 -0.83
CA GLY A 1 3.75 -19.62 -2.27
C GLY A 1 3.32 -18.23 -2.70
N SER A 2 3.98 -17.21 -2.14
CA SER A 2 3.65 -15.83 -2.47
C SER A 2 2.17 -15.55 -2.25
N SER A 3 1.63 -16.07 -1.15
CA SER A 3 0.22 -15.88 -0.82
C SER A 3 0.05 -14.84 0.28
N GLY A 4 0.87 -14.95 1.31
CA GLY A 4 0.80 -14.00 2.43
C GLY A 4 -0.62 -13.55 2.70
N SER A 5 -1.40 -14.41 3.34
CA SER A 5 -2.79 -14.09 3.66
C SER A 5 -2.97 -13.93 5.17
N SER A 6 -2.96 -12.69 5.64
CA SER A 6 -3.12 -12.41 7.05
C SER A 6 -3.82 -11.07 7.26
N GLY A 7 -4.98 -11.11 7.92
CA GLY A 7 -5.73 -9.89 8.18
C GLY A 7 -6.36 -9.33 6.92
N GLU A 8 -7.68 -9.14 6.96
CA GLU A 8 -8.42 -8.61 5.82
C GLU A 8 -8.05 -7.15 5.57
N LYS A 9 -7.76 -6.83 4.32
CA LYS A 9 -7.39 -5.47 3.94
C LYS A 9 -8.22 -4.99 2.76
N PRO A 10 -9.29 -4.23 3.03
CA PRO A 10 -10.17 -3.70 1.99
C PRO A 10 -9.51 -2.61 1.16
N TYR A 11 -8.31 -2.21 1.57
CA TYR A 11 -7.57 -1.18 0.86
C TYR A 11 -6.29 -1.75 0.25
N GLU A 12 -6.07 -1.47 -1.03
CA GLU A 12 -4.89 -1.95 -1.74
C GLU A 12 -4.31 -0.87 -2.64
N CYS A 13 -2.98 -0.79 -2.68
CA CYS A 13 -2.30 0.21 -3.50
C CYS A 13 -2.41 -0.15 -4.99
N THR A 14 -2.88 0.81 -5.77
CA THR A 14 -3.04 0.60 -7.21
C THR A 14 -1.73 0.86 -7.94
N ASP A 15 -0.75 1.40 -7.23
CA ASP A 15 0.56 1.70 -7.81
C ASP A 15 1.41 0.44 -7.91
N CYS A 16 1.48 -0.31 -6.81
CA CYS A 16 2.25 -1.54 -6.77
C CYS A 16 1.34 -2.75 -6.58
N GLY A 17 0.42 -2.64 -5.63
CA GLY A 17 -0.50 -3.74 -5.36
C GLY A 17 -0.49 -4.17 -3.91
N LYS A 18 0.01 -3.30 -3.04
CA LYS A 18 0.08 -3.59 -1.61
C LYS A 18 -1.31 -3.58 -0.99
N ALA A 19 -1.38 -3.94 0.29
CA ALA A 19 -2.65 -3.96 1.01
C ALA A 19 -2.52 -3.29 2.38
N PHE A 20 -3.61 -2.72 2.86
CA PHE A 20 -3.62 -2.05 4.16
C PHE A 20 -5.00 -2.12 4.80
N GLY A 21 -5.06 -2.64 6.02
CA GLY A 21 -6.32 -2.75 6.72
C GLY A 21 -6.99 -1.41 6.95
N LEU A 22 -6.18 -0.35 6.99
CA LEU A 22 -6.70 0.99 7.19
C LEU A 22 -6.68 1.79 5.89
N LYS A 23 -7.38 2.92 5.89
CA LYS A 23 -7.44 3.77 4.71
C LYS A 23 -6.32 4.80 4.73
N SER A 24 -5.88 5.18 5.93
CA SER A 24 -4.81 6.16 6.08
C SER A 24 -3.45 5.50 5.89
N GLN A 25 -3.36 4.22 6.25
CA GLN A 25 -2.12 3.48 6.14
C GLN A 25 -1.71 3.32 4.67
N LEU A 26 -2.71 3.28 3.79
CA LEU A 26 -2.45 3.13 2.36
C LEU A 26 -2.08 4.46 1.74
N ILE A 27 -2.87 5.49 2.02
CA ILE A 27 -2.62 6.83 1.49
C ILE A 27 -1.18 7.26 1.76
N ILE A 28 -0.72 7.04 2.98
CA ILE A 28 0.64 7.40 3.36
C ILE A 28 1.67 6.61 2.57
N HIS A 29 1.29 5.38 2.20
CA HIS A 29 2.19 4.52 1.43
C HIS A 29 2.35 5.03 0.00
N GLN A 30 1.22 5.25 -0.67
CA GLN A 30 1.24 5.74 -2.05
C GLN A 30 2.20 6.91 -2.19
N ARG A 31 2.50 7.58 -1.09
CA ARG A 31 3.41 8.71 -1.09
C ARG A 31 4.76 8.32 -1.66
N THR A 32 5.23 7.12 -1.32
CA THR A 32 6.51 6.63 -1.78
C THR A 32 6.57 6.60 -3.31
N HIS A 33 5.44 6.25 -3.93
CA HIS A 33 5.35 6.18 -5.38
C HIS A 33 5.46 7.57 -6.00
N THR A 34 4.60 8.49 -5.54
CA THR A 34 4.61 9.85 -6.05
C THR A 34 5.89 10.58 -5.66
N GLY A 35 6.94 10.39 -6.46
CA GLY A 35 8.20 11.04 -6.20
C GLY A 35 9.32 10.52 -7.07
N GLU A 36 10.56 10.83 -6.69
CA GLU A 36 11.72 10.39 -7.46
C GLU A 36 12.49 9.32 -6.71
N SER A 37 11.77 8.39 -6.09
CA SER A 37 12.39 7.31 -5.33
C SER A 37 12.33 5.99 -6.10
N GLY A 38 13.46 5.31 -6.18
CA GLY A 38 13.52 4.04 -6.88
C GLY A 38 14.77 3.91 -7.72
N PRO A 39 14.80 2.87 -8.58
CA PRO A 39 15.94 2.60 -9.46
C PRO A 39 16.09 3.65 -10.56
N SER A 40 17.32 3.91 -10.97
CA SER A 40 17.59 4.89 -12.01
C SER A 40 16.75 4.61 -13.26
N SER A 41 15.62 5.32 -13.37
CA SER A 41 14.72 5.14 -14.50
C SER A 41 13.90 6.41 -14.75
N GLY A 42 13.43 6.56 -15.98
CA GLY A 42 12.65 7.73 -16.33
C GLY A 42 12.23 7.75 -17.78
N GLY A 1 0.30 -12.70 22.99
CA GLY A 1 -0.30 -11.46 23.45
C GLY A 1 -1.63 -11.17 22.75
N SER A 2 -1.58 -10.35 21.71
CA SER A 2 -2.78 -9.99 20.97
C SER A 2 -2.94 -10.87 19.73
N SER A 3 -4.15 -11.35 19.50
CA SER A 3 -4.44 -12.21 18.36
C SER A 3 -5.92 -12.15 17.99
N GLY A 4 -6.19 -11.89 16.71
CA GLY A 4 -7.57 -11.82 16.25
C GLY A 4 -7.68 -11.20 14.88
N SER A 5 -7.30 -11.95 13.85
CA SER A 5 -7.36 -11.47 12.48
C SER A 5 -8.62 -10.64 12.24
N SER A 6 -8.44 -9.35 12.00
CA SER A 6 -9.55 -8.45 11.77
C SER A 6 -9.94 -8.44 10.29
N GLY A 7 -9.96 -9.62 9.68
CA GLY A 7 -10.31 -9.73 8.27
C GLY A 7 -9.22 -9.22 7.36
N GLU A 8 -9.38 -9.45 6.06
CA GLU A 8 -8.39 -9.01 5.08
C GLU A 8 -8.39 -7.49 4.96
N LYS A 9 -7.45 -6.97 4.19
CA LYS A 9 -7.32 -5.54 3.99
C LYS A 9 -8.16 -5.07 2.80
N PRO A 10 -9.24 -4.33 3.08
CA PRO A 10 -10.13 -3.81 2.05
C PRO A 10 -9.48 -2.72 1.20
N TYR A 11 -8.30 -2.29 1.61
CA TYR A 11 -7.57 -1.26 0.89
C TYR A 11 -6.32 -1.83 0.22
N GLU A 12 -6.15 -1.53 -1.06
CA GLU A 12 -5.00 -2.02 -1.82
C GLU A 12 -4.44 -0.92 -2.71
N CYS A 13 -3.11 -0.86 -2.81
CA CYS A 13 -2.45 0.14 -3.64
C CYS A 13 -2.59 -0.20 -5.12
N THR A 14 -3.13 0.74 -5.88
CA THR A 14 -3.32 0.55 -7.32
C THR A 14 -2.09 1.00 -8.10
N ASP A 15 -0.94 0.99 -7.44
CA ASP A 15 0.31 1.40 -8.08
C ASP A 15 1.33 0.27 -8.05
N CYS A 16 1.33 -0.50 -6.97
CA CYS A 16 2.25 -1.62 -6.83
C CYS A 16 1.49 -2.92 -6.55
N GLY A 17 0.45 -2.82 -5.74
CA GLY A 17 -0.34 -3.98 -5.42
C GLY A 17 -0.29 -4.33 -3.93
N LYS A 18 0.08 -3.35 -3.11
CA LYS A 18 0.18 -3.54 -1.68
C LYS A 18 -1.21 -3.60 -1.05
N ALA A 19 -1.25 -3.80 0.26
CA ALA A 19 -2.52 -3.87 0.99
C ALA A 19 -2.41 -3.20 2.36
N PHE A 20 -3.53 -2.67 2.84
CA PHE A 20 -3.55 -2.01 4.15
C PHE A 20 -4.92 -2.14 4.79
N GLY A 21 -4.94 -2.49 6.07
CA GLY A 21 -6.19 -2.64 6.79
C GLY A 21 -6.87 -1.31 7.06
N LEU A 22 -6.13 -0.23 6.87
CA LEU A 22 -6.67 1.11 7.10
C LEU A 22 -6.62 1.94 5.82
N LYS A 23 -7.35 3.05 5.82
CA LYS A 23 -7.39 3.93 4.66
C LYS A 23 -6.26 4.95 4.71
N SER A 24 -5.83 5.28 5.92
CA SER A 24 -4.75 6.25 6.12
C SER A 24 -3.39 5.58 5.93
N GLN A 25 -3.32 4.29 6.25
CA GLN A 25 -2.08 3.53 6.13
C GLN A 25 -1.67 3.38 4.66
N LEU A 26 -2.66 3.41 3.77
CA LEU A 26 -2.41 3.28 2.35
C LEU A 26 -2.01 4.63 1.74
N ILE A 27 -2.81 5.65 2.00
CA ILE A 27 -2.55 6.98 1.48
C ILE A 27 -1.11 7.39 1.74
N ILE A 28 -0.63 7.13 2.96
CA ILE A 28 0.74 7.47 3.34
C ILE A 28 1.75 6.65 2.55
N HIS A 29 1.37 5.43 2.19
CA HIS A 29 2.24 4.55 1.43
C HIS A 29 2.41 5.06 0.00
N GLN A 30 1.29 5.29 -0.69
CA GLN A 30 1.31 5.78 -2.06
C GLN A 30 2.30 6.94 -2.20
N ARG A 31 2.60 7.59 -1.09
CA ARG A 31 3.54 8.71 -1.10
C ARG A 31 4.86 8.32 -1.74
N THR A 32 5.31 7.10 -1.46
CA THR A 32 6.57 6.60 -2.01
C THR A 32 6.55 6.61 -3.53
N HIS A 33 5.40 6.27 -4.10
CA HIS A 33 5.25 6.25 -5.56
C HIS A 33 5.33 7.65 -6.14
N THR A 34 4.42 8.52 -5.69
CA THR A 34 4.39 9.90 -6.17
C THR A 34 5.79 10.44 -6.38
N GLY A 35 6.65 10.27 -5.38
CA GLY A 35 8.02 10.75 -5.48
C GLY A 35 8.86 10.34 -4.29
N GLU A 36 9.55 9.20 -4.42
CA GLU A 36 10.39 8.70 -3.34
C GLU A 36 11.36 7.63 -3.86
N SER A 37 12.62 7.76 -3.49
CA SER A 37 13.65 6.81 -3.92
C SER A 37 13.07 5.39 -3.97
N GLY A 38 13.38 4.69 -5.06
CA GLY A 38 12.90 3.33 -5.22
C GLY A 38 12.41 3.04 -6.63
N PRO A 39 12.69 1.82 -7.11
CA PRO A 39 12.30 1.40 -8.46
C PRO A 39 10.79 1.22 -8.59
N SER A 40 10.15 2.09 -9.38
CA SER A 40 8.72 2.02 -9.59
C SER A 40 8.39 1.82 -11.06
N SER A 41 8.30 0.57 -11.49
CA SER A 41 7.99 0.23 -12.87
C SER A 41 6.52 0.49 -13.18
N GLY A 42 6.25 1.60 -13.85
CA GLY A 42 4.88 1.95 -14.19
C GLY A 42 4.79 3.21 -15.03
N GLY A 1 -1.90 -25.50 2.51
CA GLY A 1 -2.50 -24.19 2.38
C GLY A 1 -2.50 -23.41 3.68
N SER A 2 -1.37 -22.79 3.99
CA SER A 2 -1.24 -22.01 5.22
C SER A 2 -1.80 -20.61 5.03
N SER A 3 -3.08 -20.43 5.34
CA SER A 3 -3.73 -19.14 5.20
C SER A 3 -5.10 -19.14 5.88
N GLY A 4 -5.52 -17.97 6.35
CA GLY A 4 -6.80 -17.86 7.02
C GLY A 4 -7.17 -16.41 7.32
N SER A 5 -7.93 -16.21 8.40
CA SER A 5 -8.36 -14.88 8.78
C SER A 5 -7.17 -14.02 9.19
N SER A 6 -6.73 -13.16 8.29
CA SER A 6 -5.60 -12.28 8.56
C SER A 6 -6.06 -10.85 8.85
N GLY A 7 -6.90 -10.32 7.98
CA GLY A 7 -7.42 -8.98 8.16
C GLY A 7 -8.37 -8.56 7.05
N GLU A 8 -8.14 -9.09 5.85
CA GLU A 8 -8.99 -8.76 4.71
C GLU A 8 -8.91 -7.27 4.38
N LYS A 9 -7.69 -6.76 4.31
CA LYS A 9 -7.48 -5.34 4.01
C LYS A 9 -8.26 -4.93 2.76
N PRO A 10 -9.34 -4.18 2.97
CA PRO A 10 -10.20 -3.70 1.87
C PRO A 10 -9.51 -2.64 1.02
N TYR A 11 -8.40 -2.11 1.53
CA TYR A 11 -7.64 -1.09 0.81
C TYR A 11 -6.39 -1.69 0.17
N GLU A 12 -6.24 -1.45 -1.13
CA GLU A 12 -5.08 -1.96 -1.86
C GLU A 12 -4.43 -0.87 -2.69
N CYS A 13 -3.11 -0.90 -2.79
CA CYS A 13 -2.37 0.09 -3.56
C CYS A 13 -2.47 -0.20 -5.05
N THR A 14 -2.95 0.78 -5.81
CA THR A 14 -3.10 0.63 -7.25
C THR A 14 -1.83 1.07 -7.98
N ASP A 15 -0.69 0.93 -7.31
CA ASP A 15 0.60 1.31 -7.89
C ASP A 15 1.56 0.12 -7.90
N CYS A 16 1.51 -0.67 -6.84
CA CYS A 16 2.38 -1.84 -6.71
C CYS A 16 1.56 -3.11 -6.44
N GLY A 17 0.46 -2.95 -5.71
CA GLY A 17 -0.38 -4.08 -5.39
C GLY A 17 -0.35 -4.43 -3.92
N LYS A 18 -0.03 -3.45 -3.08
CA LYS A 18 0.04 -3.66 -1.64
C LYS A 18 -1.36 -3.61 -1.02
N ALA A 19 -1.42 -3.78 0.29
CA ALA A 19 -2.69 -3.74 1.00
C ALA A 19 -2.55 -3.04 2.35
N PHE A 20 -3.67 -2.58 2.88
CA PHE A 20 -3.68 -1.88 4.17
C PHE A 20 -5.06 -1.93 4.82
N GLY A 21 -5.14 -2.61 5.96
CA GLY A 21 -6.41 -2.73 6.66
C GLY A 21 -7.04 -1.38 6.95
N LEU A 22 -6.25 -0.33 6.80
CA LEU A 22 -6.74 1.03 7.06
C LEU A 22 -6.70 1.87 5.78
N LYS A 23 -7.35 3.03 5.83
CA LYS A 23 -7.39 3.93 4.68
C LYS A 23 -6.22 4.90 4.71
N SER A 24 -5.78 5.26 5.92
CA SER A 24 -4.68 6.19 6.09
C SER A 24 -3.34 5.47 5.94
N GLN A 25 -3.31 4.18 6.29
CA GLN A 25 -2.09 3.39 6.20
C GLN A 25 -1.66 3.23 4.75
N LEU A 26 -2.64 3.30 3.83
CA LEU A 26 -2.35 3.16 2.41
C LEU A 26 -1.94 4.49 1.80
N ILE A 27 -2.71 5.53 2.09
CA ILE A 27 -2.41 6.87 1.58
C ILE A 27 -0.97 7.27 1.88
N ILE A 28 -0.52 6.98 3.09
CA ILE A 28 0.84 7.31 3.50
C ILE A 28 1.85 6.55 2.66
N HIS A 29 1.52 5.32 2.30
CA HIS A 29 2.41 4.48 1.49
C HIS A 29 2.51 5.02 0.07
N GLN A 30 1.36 5.24 -0.56
CA GLN A 30 1.32 5.75 -1.93
C GLN A 30 2.27 6.93 -2.10
N ARG A 31 2.61 7.58 -0.98
CA ARG A 31 3.51 8.72 -1.01
C ARG A 31 4.84 8.36 -1.68
N THR A 32 5.32 7.14 -1.38
CA THR A 32 6.58 6.68 -1.95
C THR A 32 6.52 6.67 -3.47
N HIS A 33 5.36 6.33 -4.02
CA HIS A 33 5.18 6.29 -5.47
C HIS A 33 5.23 7.70 -6.06
N THR A 34 4.41 8.59 -5.52
CA THR A 34 4.34 9.97 -5.99
C THR A 34 5.61 10.73 -5.62
N GLY A 35 6.56 10.77 -6.55
CA GLY A 35 7.80 11.48 -6.31
C GLY A 35 8.98 10.53 -6.13
N GLU A 36 9.14 9.61 -7.07
CA GLU A 36 10.24 8.64 -7.01
C GLU A 36 11.44 9.12 -7.83
N SER A 37 11.16 9.79 -8.94
CA SER A 37 12.22 10.29 -9.80
C SER A 37 12.29 11.82 -9.75
N GLY A 38 13.46 12.37 -10.07
CA GLY A 38 13.64 13.80 -10.05
C GLY A 38 12.40 14.55 -10.51
N PRO A 39 12.26 15.81 -10.08
CA PRO A 39 11.12 16.65 -10.45
C PRO A 39 11.15 17.06 -11.91
N SER A 40 12.13 16.56 -12.65
CA SER A 40 12.28 16.86 -14.06
C SER A 40 11.26 16.09 -14.89
N SER A 41 9.98 16.33 -14.61
CA SER A 41 8.91 15.65 -15.32
C SER A 41 9.13 14.14 -15.36
N GLY A 42 9.39 13.56 -14.19
CA GLY A 42 9.64 12.13 -14.10
C GLY A 42 8.34 11.34 -13.94
N GLY A 1 5.10 -20.82 12.23
CA GLY A 1 3.74 -20.94 12.75
C GLY A 1 3.15 -19.60 13.11
N SER A 2 3.42 -19.13 14.32
CA SER A 2 2.89 -17.85 14.78
C SER A 2 2.98 -16.80 13.68
N SER A 3 1.93 -15.97 13.57
CA SER A 3 1.89 -14.93 12.57
C SER A 3 1.41 -13.60 13.17
N GLY A 4 1.88 -12.50 12.60
CA GLY A 4 1.50 -11.20 13.10
C GLY A 4 0.01 -10.94 12.96
N SER A 5 -0.39 -9.70 13.17
CA SER A 5 -1.80 -9.32 13.08
C SER A 5 -2.17 -8.96 11.65
N SER A 6 -2.41 -9.99 10.83
CA SER A 6 -2.78 -9.79 9.43
C SER A 6 -4.22 -10.20 9.19
N GLY A 7 -4.90 -9.47 8.29
CA GLY A 7 -6.28 -9.78 7.98
C GLY A 7 -6.68 -9.31 6.60
N GLU A 8 -7.98 -9.37 6.31
CA GLU A 8 -8.48 -8.95 5.00
C GLU A 8 -8.49 -7.43 4.88
N LYS A 9 -7.49 -6.89 4.19
CA LYS A 9 -7.39 -5.44 4.00
C LYS A 9 -8.24 -4.99 2.82
N PRO A 10 -9.28 -4.20 3.11
CA PRO A 10 -10.19 -3.68 2.08
C PRO A 10 -9.53 -2.63 1.20
N TYR A 11 -8.34 -2.19 1.61
CA TYR A 11 -7.60 -1.18 0.85
C TYR A 11 -6.37 -1.79 0.20
N GLU A 12 -6.08 -1.37 -1.03
CA GLU A 12 -4.93 -1.88 -1.76
C GLU A 12 -4.32 -0.79 -2.63
N CYS A 13 -2.99 -0.78 -2.71
CA CYS A 13 -2.28 0.21 -3.51
C CYS A 13 -2.45 -0.06 -5.00
N THR A 14 -2.96 0.94 -5.71
CA THR A 14 -3.18 0.81 -7.15
C THR A 14 -1.95 1.23 -7.94
N ASP A 15 -0.78 1.06 -7.34
CA ASP A 15 0.48 1.42 -7.98
C ASP A 15 1.45 0.23 -8.00
N CYS A 16 1.42 -0.56 -6.95
CA CYS A 16 2.29 -1.73 -6.84
C CYS A 16 1.47 -2.99 -6.56
N GLY A 17 0.43 -2.86 -5.75
CA GLY A 17 -0.41 -3.99 -5.42
C GLY A 17 -0.35 -4.34 -3.95
N LYS A 18 0.03 -3.38 -3.12
CA LYS A 18 0.12 -3.59 -1.68
C LYS A 18 -1.26 -3.58 -1.05
N ALA A 19 -1.31 -3.90 0.24
CA ALA A 19 -2.56 -3.91 0.98
C ALA A 19 -2.43 -3.22 2.34
N PHE A 20 -3.52 -2.63 2.80
CA PHE A 20 -3.52 -1.93 4.08
C PHE A 20 -4.89 -2.01 4.75
N GLY A 21 -4.92 -2.59 5.95
CA GLY A 21 -6.17 -2.73 6.68
C GLY A 21 -6.83 -1.39 6.93
N LEU A 22 -6.05 -0.33 6.92
CA LEU A 22 -6.57 1.02 7.16
C LEU A 22 -6.58 1.83 5.87
N LYS A 23 -7.29 2.96 5.89
CA LYS A 23 -7.39 3.83 4.73
C LYS A 23 -6.25 4.85 4.72
N SER A 24 -5.78 5.22 5.91
CA SER A 24 -4.71 6.19 6.04
C SER A 24 -3.35 5.53 5.85
N GLN A 25 -3.26 4.26 6.21
CA GLN A 25 -2.02 3.51 6.07
C GLN A 25 -1.63 3.35 4.60
N LEU A 26 -2.63 3.35 3.73
CA LEU A 26 -2.40 3.21 2.31
C LEU A 26 -2.04 4.55 1.67
N ILE A 27 -2.83 5.57 1.97
CA ILE A 27 -2.60 6.91 1.45
C ILE A 27 -1.16 7.35 1.68
N ILE A 28 -0.66 7.09 2.88
CA ILE A 28 0.70 7.46 3.24
C ILE A 28 1.72 6.69 2.41
N HIS A 29 1.41 5.42 2.14
CA HIS A 29 2.28 4.57 1.34
C HIS A 29 2.35 5.05 -0.10
N GLN A 30 1.18 5.33 -0.68
CA GLN A 30 1.10 5.80 -2.06
C GLN A 30 2.02 6.98 -2.29
N ARG A 31 2.43 7.64 -1.20
CA ARG A 31 3.31 8.79 -1.29
C ARG A 31 4.67 8.39 -1.85
N THR A 32 5.22 7.30 -1.33
CA THR A 32 6.52 6.80 -1.78
C THR A 32 6.53 6.58 -3.29
N HIS A 33 5.34 6.47 -3.87
CA HIS A 33 5.21 6.25 -5.31
C HIS A 33 5.27 7.58 -6.07
N THR A 34 4.43 8.53 -5.66
CA THR A 34 4.39 9.84 -6.30
C THR A 34 5.72 10.57 -6.15
N GLY A 35 6.60 10.00 -5.33
CA GLY A 35 7.91 10.61 -5.12
C GLY A 35 9.05 9.63 -5.33
N GLU A 36 9.14 9.08 -6.54
CA GLU A 36 10.19 8.13 -6.87
C GLU A 36 10.58 8.24 -8.34
N SER A 37 11.82 7.86 -8.64
CA SER A 37 12.33 7.92 -10.00
C SER A 37 12.56 6.52 -10.57
N GLY A 38 11.48 5.90 -11.06
CA GLY A 38 11.57 4.56 -11.60
C GLY A 38 10.43 4.24 -12.54
N PRO A 39 10.13 2.94 -12.69
CA PRO A 39 9.04 2.48 -13.57
C PRO A 39 7.67 2.83 -13.03
N SER A 40 6.68 2.87 -13.91
CA SER A 40 5.31 3.21 -13.52
C SER A 40 5.27 4.56 -12.81
N SER A 41 6.05 5.50 -13.31
CA SER A 41 6.10 6.84 -12.71
C SER A 41 4.92 7.69 -13.18
N GLY A 42 4.65 7.65 -14.48
CA GLY A 42 3.56 8.42 -15.04
C GLY A 42 3.79 9.92 -14.95
N GLY A 1 3.43 -21.76 8.65
CA GLY A 1 2.68 -21.34 9.82
C GLY A 1 1.18 -21.31 9.58
N SER A 2 0.42 -22.01 10.41
CA SER A 2 -1.02 -22.06 10.27
C SER A 2 -1.70 -21.20 11.32
N SER A 3 -2.64 -20.36 10.88
CA SER A 3 -3.35 -19.46 11.78
C SER A 3 -4.60 -18.91 11.11
N GLY A 4 -5.59 -18.52 11.93
CA GLY A 4 -6.82 -17.98 11.40
C GLY A 4 -7.19 -16.65 12.03
N SER A 5 -6.62 -15.57 11.51
CA SER A 5 -6.89 -14.24 12.03
C SER A 5 -7.46 -13.33 10.96
N SER A 6 -8.50 -12.59 11.30
CA SER A 6 -9.15 -11.67 10.36
C SER A 6 -8.17 -10.61 9.87
N GLY A 7 -7.69 -10.78 8.65
CA GLY A 7 -6.75 -9.83 8.08
C GLY A 7 -7.17 -9.36 6.70
N GLU A 8 -8.44 -9.06 6.53
CA GLU A 8 -8.95 -8.61 5.24
C GLU A 8 -8.67 -7.13 5.03
N LYS A 9 -7.84 -6.82 4.03
CA LYS A 9 -7.49 -5.44 3.72
C LYS A 9 -8.32 -4.92 2.55
N PRO A 10 -9.37 -4.13 2.87
CA PRO A 10 -10.25 -3.55 1.86
C PRO A 10 -9.56 -2.47 1.04
N TYR A 11 -8.36 -2.08 1.48
CA TYR A 11 -7.60 -1.05 0.78
C TYR A 11 -6.34 -1.63 0.14
N GLU A 12 -6.11 -1.28 -1.12
CA GLU A 12 -4.93 -1.78 -1.83
C GLU A 12 -4.30 -0.66 -2.66
N CYS A 13 -2.98 -0.73 -2.83
CA CYS A 13 -2.25 0.27 -3.59
C CYS A 13 -2.35 -0.01 -5.08
N THR A 14 -2.84 0.97 -5.83
CA THR A 14 -2.98 0.84 -7.28
C THR A 14 -1.70 1.23 -8.01
N ASP A 15 -0.56 1.02 -7.35
CA ASP A 15 0.73 1.36 -7.93
C ASP A 15 1.66 0.15 -7.93
N CYS A 16 1.61 -0.63 -6.85
CA CYS A 16 2.44 -1.82 -6.71
C CYS A 16 1.58 -3.05 -6.45
N GLY A 17 0.53 -2.88 -5.68
CA GLY A 17 -0.35 -4.00 -5.36
C GLY A 17 -0.35 -4.34 -3.89
N LYS A 18 0.08 -3.39 -3.06
CA LYS A 18 0.13 -3.58 -1.62
C LYS A 18 -1.27 -3.54 -1.02
N ALA A 19 -1.37 -3.86 0.27
CA ALA A 19 -2.64 -3.86 0.97
C ALA A 19 -2.52 -3.18 2.33
N PHE A 20 -3.63 -2.63 2.81
CA PHE A 20 -3.65 -1.96 4.11
C PHE A 20 -5.03 -2.04 4.75
N GLY A 21 -5.09 -2.62 5.94
CA GLY A 21 -6.36 -2.76 6.64
C GLY A 21 -7.00 -1.43 6.93
N LEU A 22 -6.21 -0.36 6.84
CA LEU A 22 -6.72 0.99 7.10
C LEU A 22 -6.63 1.86 5.85
N LYS A 23 -7.41 2.93 5.83
CA LYS A 23 -7.42 3.84 4.69
C LYS A 23 -6.26 4.84 4.78
N SER A 24 -5.88 5.19 6.00
CA SER A 24 -4.79 6.12 6.23
C SER A 24 -3.44 5.45 6.02
N GLN A 25 -3.37 4.16 6.34
CA GLN A 25 -2.14 3.39 6.19
C GLN A 25 -1.74 3.29 4.72
N LEU A 26 -2.74 3.30 3.84
CA LEU A 26 -2.48 3.20 2.41
C LEU A 26 -2.05 4.55 1.84
N ILE A 27 -2.78 5.59 2.19
CA ILE A 27 -2.46 6.93 1.71
C ILE A 27 -1.01 7.28 1.96
N ILE A 28 -0.54 7.00 3.18
CA ILE A 28 0.84 7.28 3.54
C ILE A 28 1.82 6.50 2.66
N HIS A 29 1.42 5.30 2.28
CA HIS A 29 2.25 4.45 1.43
C HIS A 29 2.34 5.02 0.02
N GLN A 30 1.18 5.29 -0.58
CA GLN A 30 1.14 5.83 -1.93
C GLN A 30 2.14 6.96 -2.10
N ARG A 31 2.56 7.56 -0.98
CA ARG A 31 3.52 8.64 -1.01
C ARG A 31 4.84 8.20 -1.64
N THR A 32 5.40 7.12 -1.11
CA THR A 32 6.66 6.59 -1.61
C THR A 32 6.62 6.42 -3.13
N HIS A 33 5.40 6.33 -3.67
CA HIS A 33 5.22 6.16 -5.11
C HIS A 33 5.24 7.51 -5.82
N THR A 34 4.36 8.41 -5.38
CA THR A 34 4.27 9.74 -5.97
C THR A 34 5.58 10.50 -5.81
N GLY A 35 6.35 10.56 -6.90
CA GLY A 35 7.62 11.26 -6.87
C GLY A 35 8.77 10.41 -7.36
N GLU A 36 8.53 9.66 -8.44
CA GLU A 36 9.55 8.79 -9.00
C GLU A 36 9.34 8.62 -10.51
N SER A 37 10.44 8.42 -11.24
CA SER A 37 10.38 8.24 -12.68
C SER A 37 9.20 7.35 -13.07
N GLY A 38 9.06 6.23 -12.37
CA GLY A 38 7.98 5.32 -12.66
C GLY A 38 8.06 4.73 -14.06
N PRO A 39 8.75 3.58 -14.18
CA PRO A 39 8.91 2.90 -15.47
C PRO A 39 7.61 2.30 -15.99
N SER A 40 6.54 2.46 -15.21
CA SER A 40 5.24 1.93 -15.60
C SER A 40 4.28 3.06 -15.97
N SER A 41 3.81 3.04 -17.21
CA SER A 41 2.89 4.06 -17.70
C SER A 41 1.88 4.44 -16.62
N GLY A 42 1.73 5.74 -16.39
CA GLY A 42 0.80 6.22 -15.38
C GLY A 42 1.28 7.49 -14.72
N GLY A 1 -10.38 -27.41 3.24
CA GLY A 1 -9.48 -28.01 4.21
C GLY A 1 -9.27 -27.12 5.42
N SER A 2 -8.87 -25.87 5.19
CA SER A 2 -8.63 -24.92 6.26
C SER A 2 -8.64 -23.49 5.74
N SER A 3 -9.57 -22.69 6.26
CA SER A 3 -9.70 -21.30 5.84
C SER A 3 -8.37 -20.56 6.03
N GLY A 4 -8.34 -19.30 5.59
CA GLY A 4 -7.13 -18.50 5.73
C GLY A 4 -7.39 -17.02 5.52
N SER A 5 -8.32 -16.48 6.29
CA SER A 5 -8.66 -15.06 6.19
C SER A 5 -8.49 -14.36 7.53
N SER A 6 -7.26 -13.95 7.83
CA SER A 6 -6.96 -13.26 9.08
C SER A 6 -6.40 -11.86 8.81
N GLY A 7 -7.16 -10.84 9.19
CA GLY A 7 -6.72 -9.47 8.98
C GLY A 7 -6.82 -9.04 7.53
N GLU A 8 -8.01 -9.17 6.96
CA GLU A 8 -8.24 -8.79 5.57
C GLU A 8 -8.05 -7.29 5.38
N LYS A 9 -7.45 -6.91 4.26
CA LYS A 9 -7.21 -5.50 3.96
C LYS A 9 -8.02 -5.07 2.74
N PRO A 10 -9.18 -4.43 3.00
CA PRO A 10 -10.06 -3.94 1.94
C PRO A 10 -9.46 -2.76 1.18
N TYR A 11 -8.24 -2.40 1.53
CA TYR A 11 -7.56 -1.29 0.89
C TYR A 11 -6.25 -1.74 0.25
N GLU A 12 -6.14 -1.56 -1.06
CA GLU A 12 -4.94 -1.96 -1.79
C GLU A 12 -4.30 -0.76 -2.48
N CYS A 13 -2.99 -0.82 -2.68
CA CYS A 13 -2.26 0.26 -3.32
C CYS A 13 -2.43 0.20 -4.84
N THR A 14 -2.97 1.26 -5.42
CA THR A 14 -3.18 1.33 -6.86
C THR A 14 -1.91 1.74 -7.59
N ASP A 15 -0.76 1.34 -7.04
CA ASP A 15 0.52 1.67 -7.63
C ASP A 15 1.40 0.42 -7.77
N CYS A 16 1.32 -0.46 -6.76
CA CYS A 16 2.11 -1.69 -6.76
C CYS A 16 1.22 -2.88 -6.45
N GLY A 17 0.18 -2.66 -5.65
CA GLY A 17 -0.72 -3.74 -5.28
C GLY A 17 -0.73 -4.02 -3.79
N LYS A 18 0.16 -3.33 -3.07
CA LYS A 18 0.25 -3.51 -1.62
C LYS A 18 -1.13 -3.53 -0.98
N ALA A 19 -1.19 -3.91 0.29
CA ALA A 19 -2.45 -3.96 1.02
C ALA A 19 -2.34 -3.29 2.37
N PHE A 20 -3.47 -2.77 2.86
CA PHE A 20 -3.49 -2.08 4.15
C PHE A 20 -4.86 -2.22 4.81
N GLY A 21 -4.86 -2.70 6.05
CA GLY A 21 -6.11 -2.87 6.78
C GLY A 21 -6.81 -1.56 7.04
N LEU A 22 -6.07 -0.46 6.93
CA LEU A 22 -6.63 0.87 7.16
C LEU A 22 -6.61 1.70 5.88
N LYS A 23 -7.43 2.74 5.85
CA LYS A 23 -7.51 3.62 4.68
C LYS A 23 -6.40 4.67 4.72
N SER A 24 -5.99 5.05 5.93
CA SER A 24 -4.95 6.05 6.11
C SER A 24 -3.56 5.44 5.90
N GLN A 25 -3.44 4.16 6.24
CA GLN A 25 -2.17 3.45 6.09
C GLN A 25 -1.79 3.32 4.61
N LEU A 26 -2.79 3.32 3.75
CA LEU A 26 -2.57 3.20 2.31
C LEU A 26 -2.23 4.56 1.71
N ILE A 27 -3.03 5.56 2.01
CA ILE A 27 -2.81 6.91 1.49
C ILE A 27 -1.37 7.34 1.72
N ILE A 28 -0.86 7.12 2.93
CA ILE A 28 0.51 7.49 3.27
C ILE A 28 1.51 6.71 2.43
N HIS A 29 1.20 5.43 2.19
CA HIS A 29 2.08 4.57 1.40
C HIS A 29 2.13 5.04 -0.06
N GLN A 30 0.96 5.27 -0.64
CA GLN A 30 0.88 5.71 -2.03
C GLN A 30 1.82 6.88 -2.28
N ARG A 31 2.23 7.55 -1.21
CA ARG A 31 3.14 8.69 -1.31
C ARG A 31 4.48 8.27 -1.91
N THR A 32 5.06 7.20 -1.35
CA THR A 32 6.33 6.69 -1.82
C THR A 32 6.34 6.50 -3.33
N HIS A 33 5.14 6.39 -3.90
CA HIS A 33 5.00 6.22 -5.34
C HIS A 33 4.93 7.55 -6.06
N THR A 34 5.54 8.58 -5.46
CA THR A 34 5.54 9.91 -6.03
C THR A 34 6.96 10.49 -6.09
N GLY A 35 7.71 10.09 -7.10
CA GLY A 35 9.07 10.56 -7.25
C GLY A 35 9.76 10.76 -5.92
N GLU A 36 10.44 9.72 -5.44
CA GLU A 36 11.15 9.78 -4.17
C GLU A 36 11.83 11.14 -4.00
N SER A 37 12.61 11.53 -5.00
CA SER A 37 13.33 12.81 -4.96
C SER A 37 12.76 13.78 -5.98
N GLY A 38 12.78 15.07 -5.64
CA GLY A 38 12.27 16.09 -6.54
C GLY A 38 11.48 17.15 -5.81
N PRO A 39 10.14 17.00 -5.79
CA PRO A 39 9.25 17.95 -5.13
C PRO A 39 9.37 17.90 -3.60
N SER A 40 10.08 16.89 -3.11
CA SER A 40 10.28 16.73 -1.68
C SER A 40 10.39 18.10 -0.99
N SER A 41 9.52 18.32 0.00
CA SER A 41 9.51 19.58 0.74
C SER A 41 9.38 20.76 -0.21
N GLY A 42 8.44 20.66 -1.14
CA GLY A 42 8.23 21.74 -2.10
C GLY A 42 7.44 22.89 -1.51
N GLY A 1 9.21 -12.12 8.15
CA GLY A 1 7.81 -11.90 8.45
C GLY A 1 6.90 -12.84 7.69
N SER A 2 7.06 -14.14 7.93
CA SER A 2 6.25 -15.15 7.26
C SER A 2 4.85 -15.22 7.87
N SER A 3 4.80 -15.52 9.17
CA SER A 3 3.54 -15.63 9.88
C SER A 3 3.49 -14.65 11.05
N GLY A 4 2.59 -13.66 10.95
CA GLY A 4 2.46 -12.67 12.00
C GLY A 4 1.02 -12.25 12.21
N SER A 5 0.64 -11.12 11.61
CA SER A 5 -0.72 -10.60 11.76
C SER A 5 -1.28 -10.20 10.39
N SER A 6 -2.08 -11.10 9.79
CA SER A 6 -2.68 -10.83 8.50
C SER A 6 -4.19 -10.78 8.60
N GLY A 7 -4.82 -10.05 7.68
CA GLY A 7 -6.27 -9.94 7.68
C GLY A 7 -6.85 -9.83 6.29
N GLU A 8 -7.90 -9.03 6.15
CA GLU A 8 -8.54 -8.85 4.85
C GLU A 8 -8.43 -7.40 4.39
N LYS A 9 -7.22 -6.85 4.46
CA LYS A 9 -6.97 -5.48 4.05
C LYS A 9 -7.84 -5.10 2.86
N PRO A 10 -8.96 -4.42 3.14
CA PRO A 10 -9.90 -3.98 2.09
C PRO A 10 -9.32 -2.88 1.21
N TYR A 11 -8.16 -2.36 1.61
CA TYR A 11 -7.50 -1.31 0.86
C TYR A 11 -6.25 -1.82 0.17
N GLU A 12 -6.19 -1.67 -1.15
CA GLU A 12 -5.04 -2.11 -1.93
C GLU A 12 -4.45 -0.97 -2.73
N CYS A 13 -3.13 -0.95 -2.85
CA CYS A 13 -2.43 0.08 -3.60
C CYS A 13 -2.40 -0.24 -5.09
N THR A 14 -3.26 0.43 -5.85
CA THR A 14 -3.35 0.22 -7.28
C THR A 14 -2.02 0.51 -7.96
N ASP A 15 -1.18 1.30 -7.29
CA ASP A 15 0.12 1.66 -7.82
C ASP A 15 0.98 0.41 -8.03
N CYS A 16 1.25 -0.30 -6.94
CA CYS A 16 2.06 -1.52 -7.00
C CYS A 16 1.21 -2.76 -6.74
N GLY A 17 0.31 -2.66 -5.77
CA GLY A 17 -0.56 -3.78 -5.46
C GLY A 17 -0.55 -4.13 -3.97
N LYS A 18 0.09 -3.27 -3.18
CA LYS A 18 0.18 -3.49 -1.73
C LYS A 18 -1.20 -3.49 -1.10
N ALA A 19 -1.24 -3.67 0.21
CA ALA A 19 -2.50 -3.70 0.95
C ALA A 19 -2.36 -3.01 2.31
N PHE A 20 -3.49 -2.61 2.88
CA PHE A 20 -3.49 -1.94 4.18
C PHE A 20 -4.86 -2.03 4.84
N GLY A 21 -4.90 -2.58 6.05
CA GLY A 21 -6.14 -2.72 6.77
C GLY A 21 -6.83 -1.40 7.01
N LEU A 22 -6.05 -0.32 6.99
CA LEU A 22 -6.59 1.02 7.21
C LEU A 22 -6.60 1.82 5.91
N LYS A 23 -7.35 2.92 5.90
CA LYS A 23 -7.44 3.77 4.72
C LYS A 23 -6.32 4.80 4.71
N SER A 24 -5.88 5.21 5.90
CA SER A 24 -4.80 6.19 6.03
C SER A 24 -3.45 5.55 5.81
N GLN A 25 -3.31 4.29 6.22
CA GLN A 25 -2.06 3.56 6.07
C GLN A 25 -1.67 3.44 4.59
N LEU A 26 -2.68 3.38 3.73
CA LEU A 26 -2.45 3.26 2.29
C LEU A 26 -2.08 4.62 1.69
N ILE A 27 -2.88 5.63 1.99
CA ILE A 27 -2.65 6.97 1.48
C ILE A 27 -1.21 7.41 1.72
N ILE A 28 -0.73 7.17 2.94
CA ILE A 28 0.63 7.54 3.32
C ILE A 28 1.65 6.76 2.49
N HIS A 29 1.33 5.51 2.17
CA HIS A 29 2.20 4.67 1.37
C HIS A 29 2.29 5.17 -0.06
N GLN A 30 1.14 5.36 -0.69
CA GLN A 30 1.08 5.84 -2.07
C GLN A 30 2.01 7.03 -2.27
N ARG A 31 2.34 7.70 -1.18
CA ARG A 31 3.22 8.87 -1.23
C ARG A 31 4.58 8.49 -1.81
N THR A 32 5.21 7.47 -1.21
CA THR A 32 6.51 7.02 -1.67
C THR A 32 6.53 6.81 -3.18
N HIS A 33 5.41 6.35 -3.72
CA HIS A 33 5.30 6.11 -5.16
C HIS A 33 5.43 7.42 -5.94
N THR A 34 4.82 8.48 -5.42
CA THR A 34 4.86 9.78 -6.07
C THR A 34 6.13 10.54 -5.69
N GLY A 35 7.25 9.84 -5.71
CA GLY A 35 8.52 10.47 -5.35
C GLY A 35 9.69 9.83 -6.07
N GLU A 36 10.70 9.42 -5.30
CA GLU A 36 11.89 8.79 -5.86
C GLU A 36 11.72 7.27 -5.94
N SER A 37 10.94 6.72 -5.02
CA SER A 37 10.70 5.28 -4.98
C SER A 37 12.01 4.52 -4.93
N GLY A 38 12.95 5.00 -4.11
CA GLY A 38 14.23 4.35 -3.99
C GLY A 38 14.82 3.96 -5.32
N PRO A 39 14.84 2.65 -5.61
CA PRO A 39 15.37 2.13 -6.87
C PRO A 39 14.50 2.47 -8.07
N SER A 40 15.11 2.53 -9.25
CA SER A 40 14.38 2.86 -10.47
C SER A 40 13.15 1.97 -10.62
N SER A 41 13.38 0.66 -10.76
CA SER A 41 12.29 -0.29 -10.91
C SER A 41 11.44 -0.36 -9.65
N GLY A 42 10.14 -0.55 -9.84
CA GLY A 42 9.23 -0.62 -8.70
C GLY A 42 7.89 -1.23 -9.07
N GLY A 1 -11.88 -19.67 10.59
CA GLY A 1 -12.84 -18.60 10.77
C GLY A 1 -13.03 -18.23 12.22
N SER A 2 -12.05 -17.52 12.78
CA SER A 2 -12.10 -17.10 14.18
C SER A 2 -12.81 -15.76 14.32
N SER A 3 -13.67 -15.65 15.32
CA SER A 3 -14.41 -14.41 15.56
C SER A 3 -13.59 -13.45 16.42
N GLY A 4 -12.96 -12.47 15.77
CA GLY A 4 -12.16 -11.50 16.47
C GLY A 4 -11.30 -10.67 15.55
N SER A 5 -10.05 -10.47 15.93
CA SER A 5 -9.11 -9.68 15.12
C SER A 5 -8.96 -10.28 13.73
N SER A 6 -9.66 -9.68 12.76
CA SER A 6 -9.60 -10.15 11.38
C SER A 6 -8.30 -9.72 10.71
N GLY A 7 -8.10 -10.18 9.47
CA GLY A 7 -6.90 -9.82 8.74
C GLY A 7 -7.18 -9.54 7.28
N GLU A 8 -8.26 -8.80 7.01
CA GLU A 8 -8.63 -8.46 5.64
C GLU A 8 -8.43 -6.98 5.37
N LYS A 9 -7.60 -6.67 4.38
CA LYS A 9 -7.32 -5.29 4.01
C LYS A 9 -8.11 -4.88 2.77
N PRO A 10 -9.25 -4.20 2.99
CA PRO A 10 -10.11 -3.74 1.90
C PRO A 10 -9.48 -2.61 1.10
N TYR A 11 -8.29 -2.19 1.51
CA TYR A 11 -7.57 -1.11 0.84
C TYR A 11 -6.27 -1.61 0.22
N GLU A 12 -6.14 -1.46 -1.08
CA GLU A 12 -4.95 -1.90 -1.79
C GLU A 12 -4.29 -0.73 -2.51
N CYS A 13 -2.98 -0.86 -2.75
CA CYS A 13 -2.22 0.19 -3.43
C CYS A 13 -2.39 0.08 -4.94
N THR A 14 -2.91 1.14 -5.55
CA THR A 14 -3.13 1.18 -6.99
C THR A 14 -1.84 1.54 -7.72
N ASP A 15 -0.71 1.15 -7.15
CA ASP A 15 0.59 1.43 -7.77
C ASP A 15 1.44 0.18 -7.84
N CYS A 16 1.35 -0.65 -6.80
CA CYS A 16 2.12 -1.90 -6.75
C CYS A 16 1.22 -3.07 -6.41
N GLY A 17 0.17 -2.81 -5.64
CA GLY A 17 -0.75 -3.86 -5.25
C GLY A 17 -0.77 -4.10 -3.75
N LYS A 18 0.13 -3.43 -3.04
CA LYS A 18 0.22 -3.58 -1.59
C LYS A 18 -1.17 -3.55 -0.95
N ALA A 19 -1.23 -3.93 0.31
CA ALA A 19 -2.50 -3.96 1.03
C ALA A 19 -2.38 -3.26 2.39
N PHE A 20 -3.47 -2.63 2.83
CA PHE A 20 -3.48 -1.92 4.09
C PHE A 20 -4.84 -2.02 4.76
N GLY A 21 -4.88 -2.59 5.96
CA GLY A 21 -6.13 -2.74 6.68
C GLY A 21 -6.76 -1.42 7.03
N LEU A 22 -6.05 -0.33 6.74
CA LEU A 22 -6.55 1.01 7.02
C LEU A 22 -6.52 1.87 5.77
N LYS A 23 -7.40 2.87 5.72
CA LYS A 23 -7.48 3.78 4.59
C LYS A 23 -6.34 4.79 4.61
N SER A 24 -5.82 5.06 5.81
CA SER A 24 -4.73 6.01 5.96
C SER A 24 -3.39 5.34 5.72
N GLN A 25 -3.26 4.09 6.17
CA GLN A 25 -2.03 3.33 6.01
C GLN A 25 -1.69 3.16 4.52
N LEU A 26 -2.69 3.37 3.66
CA LEU A 26 -2.50 3.23 2.22
C LEU A 26 -2.12 4.58 1.60
N ILE A 27 -2.85 5.62 1.98
CA ILE A 27 -2.61 6.95 1.45
C ILE A 27 -1.16 7.38 1.72
N ILE A 28 -0.69 7.13 2.93
CA ILE A 28 0.67 7.50 3.31
C ILE A 28 1.69 6.71 2.49
N HIS A 29 1.36 5.46 2.18
CA HIS A 29 2.25 4.62 1.38
C HIS A 29 2.35 5.12 -0.06
N GLN A 30 1.20 5.32 -0.69
CA GLN A 30 1.15 5.80 -2.06
C GLN A 30 2.12 6.97 -2.26
N ARG A 31 2.45 7.64 -1.17
CA ARG A 31 3.36 8.77 -1.22
C ARG A 31 4.72 8.36 -1.82
N THR A 32 5.21 7.20 -1.41
CA THR A 32 6.48 6.69 -1.89
C THR A 32 6.50 6.60 -3.41
N HIS A 33 5.37 6.19 -3.99
CA HIS A 33 5.25 6.05 -5.43
C HIS A 33 5.29 7.42 -6.11
N THR A 34 4.51 8.36 -5.57
CA THR A 34 4.46 9.70 -6.13
C THR A 34 5.65 10.54 -5.66
N GLY A 35 6.83 9.94 -5.66
CA GLY A 35 8.02 10.64 -5.23
C GLY A 35 9.09 10.70 -6.30
N GLU A 36 9.40 11.89 -6.77
CA GLU A 36 10.40 12.08 -7.81
C GLU A 36 11.63 12.79 -7.26
N SER A 37 12.08 12.38 -6.08
CA SER A 37 13.23 12.98 -5.44
C SER A 37 13.89 12.00 -4.47
N GLY A 38 15.22 12.00 -4.44
CA GLY A 38 15.95 11.11 -3.56
C GLY A 38 17.44 11.14 -3.81
N PRO A 39 18.23 10.84 -2.77
CA PRO A 39 19.69 10.83 -2.86
C PRO A 39 20.21 9.67 -3.70
N SER A 40 19.30 8.86 -4.22
CA SER A 40 19.66 7.71 -5.03
C SER A 40 20.06 8.16 -6.44
N SER A 41 21.03 9.05 -6.51
CA SER A 41 21.51 9.57 -7.79
C SER A 41 22.76 8.82 -8.25
N GLY A 42 23.71 8.65 -7.34
CA GLY A 42 24.94 7.95 -7.65
C GLY A 42 25.59 8.47 -8.92
N GLY A 1 6.39 -16.85 16.30
CA GLY A 1 5.01 -16.46 16.49
C GLY A 1 4.05 -17.19 15.57
N SER A 2 2.91 -16.58 15.31
CA SER A 2 1.90 -17.17 14.44
C SER A 2 2.54 -17.71 13.15
N SER A 3 2.01 -18.81 12.64
CA SER A 3 2.53 -19.41 11.42
C SER A 3 1.58 -19.17 10.25
N GLY A 4 1.67 -17.98 9.65
CA GLY A 4 0.82 -17.65 8.53
C GLY A 4 -0.22 -16.60 8.88
N SER A 5 -0.21 -15.48 8.17
CA SER A 5 -1.16 -14.41 8.41
C SER A 5 -1.98 -14.11 7.16
N SER A 6 -3.30 -13.96 7.34
CA SER A 6 -4.19 -13.68 6.23
C SER A 6 -5.13 -12.52 6.57
N GLY A 7 -4.58 -11.50 7.21
CA GLY A 7 -5.38 -10.34 7.58
C GLY A 7 -6.20 -9.81 6.43
N GLU A 8 -7.30 -9.14 6.74
CA GLU A 8 -8.18 -8.58 5.72
C GLU A 8 -7.85 -7.10 5.48
N LYS A 9 -7.54 -6.77 4.23
CA LYS A 9 -7.21 -5.40 3.87
C LYS A 9 -7.96 -4.98 2.60
N PRO A 10 -9.10 -4.30 2.79
CA PRO A 10 -9.93 -3.83 1.68
C PRO A 10 -9.27 -2.70 0.90
N TYR A 11 -8.10 -2.28 1.36
CA TYR A 11 -7.37 -1.20 0.72
C TYR A 11 -6.08 -1.71 0.08
N GLU A 12 -5.97 -1.55 -1.24
CA GLU A 12 -4.80 -2.01 -1.97
C GLU A 12 -4.19 -0.87 -2.79
N CYS A 13 -2.87 -0.76 -2.77
CA CYS A 13 -2.17 0.28 -3.50
C CYS A 13 -2.38 0.10 -5.00
N THR A 14 -2.88 1.16 -5.65
CA THR A 14 -3.13 1.13 -7.09
C THR A 14 -1.86 1.45 -7.88
N ASP A 15 -0.71 1.18 -7.27
CA ASP A 15 0.57 1.44 -7.90
C ASP A 15 1.45 0.20 -7.91
N CYS A 16 1.33 -0.60 -6.86
CA CYS A 16 2.11 -1.83 -6.73
C CYS A 16 1.20 -3.01 -6.41
N GLY A 17 0.14 -2.76 -5.66
CA GLY A 17 -0.78 -3.82 -5.29
C GLY A 17 -0.72 -4.16 -3.81
N LYS A 18 -0.06 -3.31 -3.04
CA LYS A 18 0.07 -3.53 -1.59
C LYS A 18 -1.30 -3.63 -0.94
N ALA A 19 -1.30 -3.74 0.39
CA ALA A 19 -2.54 -3.84 1.14
C ALA A 19 -2.42 -3.15 2.50
N PHE A 20 -3.54 -2.60 2.98
CA PHE A 20 -3.55 -1.92 4.26
C PHE A 20 -4.94 -2.00 4.90
N GLY A 21 -5.00 -2.65 6.06
CA GLY A 21 -6.27 -2.79 6.75
C GLY A 21 -6.96 -1.46 6.99
N LEU A 22 -6.18 -0.37 6.89
CA LEU A 22 -6.73 0.97 7.10
C LEU A 22 -6.69 1.77 5.80
N LYS A 23 -7.39 2.90 5.80
CA LYS A 23 -7.44 3.77 4.63
C LYS A 23 -6.31 4.79 4.66
N SER A 24 -5.89 5.17 5.86
CA SER A 24 -4.83 6.16 6.03
C SER A 24 -3.46 5.50 5.86
N GLN A 25 -3.37 4.24 6.25
CA GLN A 25 -2.11 3.50 6.14
C GLN A 25 -1.67 3.39 4.68
N LEU A 26 -2.64 3.37 3.77
CA LEU A 26 -2.35 3.27 2.34
C LEU A 26 -1.95 4.62 1.78
N ILE A 27 -2.79 5.64 2.03
CA ILE A 27 -2.52 6.99 1.54
C ILE A 27 -1.08 7.40 1.82
N ILE A 28 -0.61 7.09 3.03
CA ILE A 28 0.75 7.43 3.42
C ILE A 28 1.78 6.66 2.58
N HIS A 29 1.45 5.41 2.24
CA HIS A 29 2.34 4.57 1.45
C HIS A 29 2.43 5.10 0.01
N GLN A 30 1.28 5.32 -0.60
CA GLN A 30 1.23 5.81 -1.97
C GLN A 30 2.19 6.98 -2.17
N ARG A 31 2.51 7.66 -1.07
CA ARG A 31 3.42 8.80 -1.12
C ARG A 31 4.76 8.39 -1.72
N THR A 32 5.22 7.20 -1.37
CA THR A 32 6.50 6.69 -1.87
C THR A 32 6.49 6.63 -3.41
N HIS A 33 5.36 6.22 -3.97
CA HIS A 33 5.24 6.12 -5.42
C HIS A 33 5.30 7.49 -6.08
N THR A 34 4.36 8.37 -5.71
CA THR A 34 4.32 9.72 -6.26
C THR A 34 5.72 10.30 -6.40
N GLY A 35 6.55 10.09 -5.38
CA GLY A 35 7.91 10.60 -5.42
C GLY A 35 8.76 9.93 -6.48
N GLU A 36 9.39 8.83 -6.12
CA GLU A 36 10.24 8.09 -7.04
C GLU A 36 9.40 7.29 -8.03
N SER A 37 9.68 7.47 -9.31
CA SER A 37 8.94 6.77 -10.36
C SER A 37 9.78 6.65 -11.63
N GLY A 38 9.58 5.57 -12.37
CA GLY A 38 10.32 5.36 -13.60
C GLY A 38 9.45 4.84 -14.73
N PRO A 39 10.09 4.25 -15.75
CA PRO A 39 9.38 3.69 -16.91
C PRO A 39 8.59 2.44 -16.56
N SER A 40 8.61 2.08 -15.28
CA SER A 40 7.89 0.89 -14.81
C SER A 40 6.60 0.70 -15.60
N SER A 41 5.83 1.78 -15.75
CA SER A 41 4.57 1.72 -16.47
C SER A 41 4.74 1.06 -17.84
N GLY A 42 3.91 0.07 -18.13
CA GLY A 42 4.00 -0.61 -19.40
C GLY A 42 2.80 -0.36 -20.29
#